data_7ZT9
#
_entry.id   7ZT9
#
_cell.length_a   88.540
_cell.length_b   96.240
_cell.length_c   117.250
_cell.angle_alpha   90.00
_cell.angle_beta   90.00
_cell.angle_gamma   90.00
#
_symmetry.space_group_name_H-M   'P 21 21 21'
#
loop_
_entity.id
_entity.type
_entity.pdbx_description
1 polymer 'Major histocompatibility complex class I-related gene protein'
2 polymer Beta-2-microglobulin
3 polymer 'TCR alpha'
4 polymer 'TCR beta'
5 non-polymer '4-METHYLBENZOIC ACID'
6 non-polymer 1,2-ETHANEDIOL
7 water water
#
loop_
_entity_poly.entity_id
_entity_poly.type
_entity_poly.pdbx_seq_one_letter_code
_entity_poly.pdbx_strand_id
1 'polypeptide(L)'
;MRTHSLRYFRLGVSDPIHGVPEFISVGYVDSHPITTYDSVTRQKEPRAPWMAENLAPDHWERYTQLLRGWQQMFKVELKR
LQRHYNHSGSHTYQRMIGCELLEDGSTTGFLQYAYDGQDFLIFNKDTLSWLAVDNVAHTIKQAWEANQHELLYQKNWLEE
ECIAWLKRFLEYGKDTLQRTEPPLVRVNRKETFPGVTALFCKAHGFYPPEIYMTWMKNGEEIVQEIDYGDILPSGDGTYQ
AWASIELDPQSSNLYSCHVEHSGVHMVLQVPGSGGGLNDIFEAQKIEWHE
;
A
2 'polypeptide(L)'
;MIQRTPKIQVYSRHPAENGKSNFLNCYVSGFHPSDIEVDLLKNGERIEKVEHSDLSFSKDWSFYLLYYTEFTPTEKDEYA
CRVNHVTLSQPKIVKWDRDM
;
B
3 'polypeptide(L)'
;MAGQNIDQPTEMTATEGAIVQINCTYQTSGFNGLFWYQQHAGEAPTFLSYNVLDGLEEKGRFSSFLSRSKGYSYLLLKEL
QMKDSASYLCAFLDSNYQLIWGAGTKLIIKPDIQNPDPAVYQLRDSKSSDKSVCLFTDFDSQTNVSQSKDSDVYITDKCV
LDMRSMDFKSNSAVAWSNKSDFACANAFNNSIIPEDTFFPSPESS
;
D
4 'polypeptide(L)'
;NAGVTQTPKFQVLKTGQSMTLQCAQDMNHNYMYWYRQDPGMGLRLIYYSASEGTTDKGEVPNGYNVSRSTTEDFPLRLLS
AAPSQTSVYFCASSNREYSPLHFGNGTRLTVTEDLNKVFPPEVAVFEPSEAEISHTQKATLVCLATGFYPDHVELSWWVN
GKEVHSGVCTDPQPLKEQPALNDSRYALSSRLRVSATFWQDPRNHFRCQVQFYGLSENDEWTQDRAKPVTQIVSAEAWGR
ADAAAGAAEQKLISEEDLNGAA
;
E
#
loop_
_chem_comp.id
_chem_comp.type
_chem_comp.name
_chem_comp.formula
4MA non-polymer '4-METHYLBENZOIC ACID' 'C8 H8 O2'
EDO non-polymer 1,2-ETHANEDIOL 'C2 H6 O2'
#
# COMPACT_ATOMS: atom_id res chain seq x y z
N MET A 1 1.34 -23.22 26.64
CA MET A 1 0.28 -23.47 25.63
C MET A 1 0.82 -24.38 24.50
N ARG A 2 -0.10 -24.89 23.70
CA ARG A 2 0.19 -25.79 22.54
C ARG A 2 0.37 -24.97 21.28
N THR A 3 0.51 -25.64 20.14
CA THR A 3 0.60 -25.05 18.78
C THR A 3 -0.67 -24.23 18.51
N HIS A 4 -0.49 -23.04 17.98
CA HIS A 4 -1.62 -22.25 17.45
C HIS A 4 -1.25 -21.80 16.04
N SER A 5 -2.24 -21.48 15.24
CA SER A 5 -2.03 -21.08 13.83
C SER A 5 -3.03 -20.00 13.48
N LEU A 6 -2.62 -19.13 12.56
CA LEU A 6 -3.49 -18.13 11.90
C LEU A 6 -3.37 -18.39 10.40
N ARG A 7 -4.51 -18.53 9.73
CA ARG A 7 -4.63 -18.86 8.29
C ARG A 7 -5.68 -17.95 7.67
N TYR A 8 -5.40 -17.43 6.49
CA TYR A 8 -6.40 -16.68 5.70
C TYR A 8 -6.52 -17.36 4.34
N PHE A 9 -7.76 -17.65 3.93
CA PHE A 9 -8.09 -18.25 2.60
C PHE A 9 -8.78 -17.22 1.73
N ARG A 10 -8.53 -17.35 0.42
CA ARG A 10 -9.26 -16.68 -0.67
C ARG A 10 -9.74 -17.76 -1.66
N LEU A 11 -11.00 -17.63 -2.06
CA LEU A 11 -11.64 -18.41 -3.13
C LEU A 11 -12.24 -17.43 -4.14
N GLY A 12 -11.82 -17.56 -5.39
CA GLY A 12 -12.42 -16.89 -6.57
C GLY A 12 -13.12 -17.91 -7.44
N VAL A 13 -14.29 -17.54 -7.98
CA VAL A 13 -15.07 -18.39 -8.92
C VAL A 13 -15.42 -17.49 -10.11
N SER A 14 -15.01 -17.88 -11.31
CA SER A 14 -15.43 -17.23 -12.58
C SER A 14 -16.81 -17.78 -12.96
N ASP A 15 -17.75 -16.92 -13.37
CA ASP A 15 -19.14 -17.30 -13.75
C ASP A 15 -19.76 -18.13 -12.64
N PRO A 16 -19.97 -17.58 -11.41
CA PRO A 16 -20.78 -18.25 -10.39
C PRO A 16 -22.29 -18.20 -10.71
N ILE A 17 -23.13 -19.01 -10.03
CA ILE A 17 -24.51 -19.38 -10.45
C ILE A 17 -25.55 -18.27 -10.14
N VAL A 20 -23.61 -18.59 -5.88
CA VAL A 20 -22.28 -18.57 -5.21
C VAL A 20 -21.70 -17.16 -5.42
N PRO A 21 -20.93 -16.62 -4.43
CA PRO A 21 -20.22 -15.36 -4.62
C PRO A 21 -18.97 -15.53 -5.49
N GLU A 22 -18.60 -14.49 -6.24
CA GLU A 22 -17.37 -14.43 -7.05
C GLU A 22 -16.13 -14.62 -6.15
N PHE A 23 -16.20 -14.13 -4.91
CA PHE A 23 -14.99 -14.05 -4.05
C PHE A 23 -15.44 -14.15 -2.60
N ILE A 24 -14.76 -15.01 -1.84
CA ILE A 24 -14.95 -15.22 -0.38
C ILE A 24 -13.55 -15.19 0.24
N SER A 25 -13.40 -14.54 1.39
CA SER A 25 -12.19 -14.67 2.23
C SER A 25 -12.63 -15.01 3.65
N VAL A 26 -11.97 -15.98 4.28
CA VAL A 26 -12.20 -16.32 5.71
C VAL A 26 -10.85 -16.51 6.36
N GLY A 27 -10.73 -15.99 7.58
CA GLY A 27 -9.59 -16.27 8.46
C GLY A 27 -9.98 -17.23 9.57
N TYR A 28 -8.98 -17.97 10.04
CA TYR A 28 -9.05 -19.00 11.11
C TYR A 28 -7.88 -18.80 12.06
N VAL A 29 -8.18 -18.84 13.36
CA VAL A 29 -7.17 -19.12 14.41
C VAL A 29 -7.46 -20.56 14.87
N ASP A 30 -6.52 -21.46 14.64
CA ASP A 30 -6.73 -22.92 14.88
C ASP A 30 -7.96 -23.31 14.05
N SER A 31 -8.96 -23.92 14.66
CA SER A 31 -10.15 -24.51 13.96
C SER A 31 -11.25 -23.46 13.88
N HIS A 32 -11.01 -22.24 14.37
CA HIS A 32 -12.04 -21.22 14.68
C HIS A 32 -12.07 -20.16 13.60
N PRO A 33 -13.18 -20.02 12.83
CA PRO A 33 -13.35 -18.89 11.92
C PRO A 33 -13.26 -17.59 12.72
N ILE A 34 -12.42 -16.62 12.34
CA ILE A 34 -12.35 -15.30 13.07
C ILE A 34 -12.90 -14.16 12.19
N THR A 35 -12.89 -14.29 10.87
CA THR A 35 -13.16 -13.17 9.93
C THR A 35 -13.72 -13.69 8.61
N THR A 36 -14.61 -12.92 8.01
CA THR A 36 -15.21 -13.27 6.71
C THR A 36 -15.46 -12.03 5.87
N TYR A 37 -15.52 -12.26 4.56
CA TYR A 37 -15.68 -11.26 3.50
C TYR A 37 -16.05 -12.02 2.24
N ASP A 38 -16.99 -11.47 1.50
CA ASP A 38 -17.42 -12.01 0.21
C ASP A 38 -17.87 -10.85 -0.66
N SER A 39 -17.97 -11.13 -1.96
CA SER A 39 -18.28 -10.18 -3.05
C SER A 39 -19.74 -9.74 -2.95
N VAL A 40 -20.56 -10.43 -2.17
CA VAL A 40 -22.00 -10.07 -1.98
C VAL A 40 -22.10 -9.04 -0.83
N THR A 41 -21.55 -9.30 0.33
CA THR A 41 -21.68 -8.36 1.48
C THR A 41 -20.77 -7.15 1.23
N ARG A 42 -19.65 -7.37 0.57
CA ARG A 42 -18.57 -6.38 0.40
C ARG A 42 -18.18 -5.79 1.76
N GLN A 43 -18.28 -6.57 2.84
CA GLN A 43 -17.88 -6.11 4.20
C GLN A 43 -17.05 -7.21 4.90
N LYS A 44 -16.01 -6.80 5.60
CA LYS A 44 -15.21 -7.69 6.47
C LYS A 44 -15.95 -7.79 7.81
N GLU A 45 -16.37 -8.98 8.23
CA GLU A 45 -17.15 -9.15 9.48
C GLU A 45 -16.43 -10.14 10.39
N PRO A 46 -16.55 -9.98 11.73
CA PRO A 46 -16.06 -10.97 12.68
C PRO A 46 -16.92 -12.24 12.56
N ARG A 47 -16.32 -13.40 12.82
CA ARG A 47 -16.98 -14.75 12.86
CA ARG A 47 -17.02 -14.72 12.88
C ARG A 47 -16.84 -15.34 14.28
N ALA A 48 -16.24 -14.59 15.20
CA ALA A 48 -16.07 -14.94 16.62
C ALA A 48 -16.41 -13.70 17.45
N PRO A 49 -17.18 -13.85 18.56
CA PRO A 49 -17.49 -12.71 19.43
C PRO A 49 -16.25 -12.01 19.98
N TRP A 50 -15.18 -12.76 20.27
CA TRP A 50 -13.95 -12.23 20.93
C TRP A 50 -13.10 -11.46 19.92
N MET A 51 -13.37 -11.59 18.63
CA MET A 51 -12.81 -10.70 17.58
C MET A 51 -13.62 -9.41 17.55
N ALA A 52 -14.95 -9.54 17.52
CA ALA A 52 -15.87 -8.38 17.48
C ALA A 52 -15.55 -7.46 18.67
N GLU A 53 -15.22 -8.02 19.83
CA GLU A 53 -15.20 -7.27 21.12
C GLU A 53 -13.84 -6.60 21.35
N ASN A 54 -12.80 -6.97 20.62
CA ASN A 54 -11.43 -6.48 20.89
C ASN A 54 -10.85 -5.67 19.72
N LEU A 55 -11.59 -5.50 18.62
CA LEU A 55 -11.13 -4.76 17.43
C LEU A 55 -12.14 -3.66 17.11
N ALA A 56 -11.73 -2.38 17.26
CA ALA A 56 -12.55 -1.18 17.03
C ALA A 56 -13.05 -1.18 15.59
N PRO A 57 -14.10 -0.39 15.29
CA PRO A 57 -14.68 -0.36 13.94
C PRO A 57 -13.67 -0.10 12.79
N ASP A 58 -12.65 0.71 13.05
CA ASP A 58 -11.70 1.19 12.02
C ASP A 58 -10.87 0.00 11.51
N HIS A 59 -10.72 -1.06 12.30
CA HIS A 59 -10.08 -2.32 11.83
C HIS A 59 -10.93 -2.95 10.72
N TRP A 60 -12.24 -3.10 10.96
CA TRP A 60 -13.21 -3.70 10.01
C TRP A 60 -13.29 -2.79 8.78
N GLU A 61 -13.27 -1.49 8.98
CA GLU A 61 -13.47 -0.52 7.87
C GLU A 61 -12.23 -0.58 6.99
N ARG A 62 -11.06 -0.68 7.62
CA ARG A 62 -9.79 -0.66 6.87
C ARG A 62 -9.65 -1.98 6.11
N TYR A 63 -9.96 -3.12 6.74
CA TYR A 63 -9.83 -4.47 6.09
C TYR A 63 -10.95 -4.65 5.06
N THR A 64 -12.10 -4.02 5.26
CA THR A 64 -13.13 -3.92 4.21
C THR A 64 -12.48 -3.34 2.95
N GLN A 65 -11.74 -2.24 3.06
CA GLN A 65 -11.17 -1.58 1.86
C GLN A 65 -10.08 -2.47 1.25
N LEU A 66 -9.20 -3.03 2.07
CA LEU A 66 -8.11 -3.92 1.55
C LEU A 66 -8.71 -5.11 0.78
N LEU A 67 -9.76 -5.73 1.32
CA LEU A 67 -10.43 -6.92 0.74
C LEU A 67 -11.15 -6.57 -0.56
N ARG A 68 -11.69 -5.35 -0.67
CA ARG A 68 -12.28 -4.89 -1.95
C ARG A 68 -11.14 -4.90 -2.98
N GLY A 69 -9.94 -4.51 -2.56
CA GLY A 69 -8.74 -4.54 -3.42
C GLY A 69 -8.38 -5.96 -3.82
N TRP A 70 -8.28 -6.85 -2.83
CA TRP A 70 -7.88 -8.26 -3.04
C TRP A 70 -8.92 -8.96 -3.91
N GLN A 71 -10.21 -8.70 -3.69
CA GLN A 71 -11.28 -9.23 -4.57
C GLN A 71 -11.05 -8.86 -6.05
N GLN A 72 -10.75 -7.60 -6.33
CA GLN A 72 -10.47 -7.13 -7.71
C GLN A 72 -9.18 -7.81 -8.25
N MET A 73 -8.09 -7.88 -7.48
CA MET A 73 -6.81 -8.48 -7.96
C MET A 73 -7.06 -9.95 -8.30
N PHE A 74 -7.85 -10.64 -7.47
CA PHE A 74 -8.11 -12.10 -7.62
C PHE A 74 -8.87 -12.38 -8.91
N LYS A 75 -9.91 -11.58 -9.21
CA LYS A 75 -10.74 -11.66 -10.44
C LYS A 75 -9.85 -11.52 -11.68
N VAL A 76 -9.01 -10.47 -11.71
CA VAL A 76 -8.07 -10.20 -12.83
C VAL A 76 -7.09 -11.38 -12.93
N GLU A 77 -6.45 -11.77 -11.82
CA GLU A 77 -5.50 -12.91 -11.76
C GLU A 77 -6.16 -14.18 -12.32
N LEU A 78 -7.40 -14.47 -11.92
CA LEU A 78 -8.09 -15.73 -12.33
C LEU A 78 -8.26 -15.70 -13.85
N LYS A 79 -8.93 -14.67 -14.36
CA LYS A 79 -9.14 -14.45 -15.81
C LYS A 79 -7.82 -14.71 -16.53
N ARG A 80 -6.71 -14.12 -16.06
CA ARG A 80 -5.37 -14.33 -16.65
C ARG A 80 -5.04 -15.83 -16.68
N LEU A 81 -5.24 -16.55 -15.57
CA LEU A 81 -4.89 -18.00 -15.49
C LEU A 81 -5.71 -18.80 -16.51
N GLN A 82 -6.96 -18.42 -16.73
CA GLN A 82 -7.84 -19.13 -17.71
C GLN A 82 -7.38 -18.80 -19.13
N ARG A 83 -6.92 -17.57 -19.38
CA ARG A 83 -6.34 -17.19 -20.69
C ARG A 83 -5.09 -18.05 -20.93
N HIS A 84 -4.21 -18.16 -19.93
CA HIS A 84 -2.93 -18.91 -20.02
C HIS A 84 -3.19 -20.39 -20.36
N TYR A 85 -4.35 -20.93 -19.94
CA TYR A 85 -4.68 -22.38 -19.99
C TYR A 85 -5.54 -22.73 -21.22
N ASN A 86 -6.11 -21.73 -21.88
CA ASN A 86 -7.19 -21.88 -22.90
C ASN A 86 -8.41 -22.52 -22.21
N HIS A 87 -8.74 -21.99 -21.03
CA HIS A 87 -9.87 -22.45 -20.17
C HIS A 87 -11.01 -21.43 -20.26
N SER A 88 -12.24 -21.94 -20.37
CA SER A 88 -13.50 -21.18 -20.55
C SER A 88 -14.56 -21.78 -19.62
N GLY A 89 -15.59 -21.00 -19.27
CA GLY A 89 -16.52 -21.37 -18.19
C GLY A 89 -15.83 -21.28 -16.83
N SER A 90 -16.46 -21.83 -15.78
CA SER A 90 -16.10 -21.63 -14.35
C SER A 90 -14.85 -22.44 -13.95
N HIS A 91 -13.87 -21.76 -13.36
CA HIS A 91 -12.73 -22.36 -12.63
C HIS A 91 -12.53 -21.62 -11.30
N THR A 92 -11.78 -22.21 -10.37
CA THR A 92 -11.52 -21.67 -9.01
C THR A 92 -10.04 -21.32 -8.86
N TYR A 93 -9.77 -20.14 -8.31
CA TYR A 93 -8.44 -19.67 -7.85
C TYR A 93 -8.52 -19.68 -6.33
N GLN A 94 -7.48 -20.18 -5.66
CA GLN A 94 -7.49 -20.25 -4.18
C GLN A 94 -6.13 -19.81 -3.63
N ARG A 95 -6.16 -19.09 -2.53
CA ARG A 95 -4.93 -18.69 -1.81
C ARG A 95 -5.07 -19.16 -0.37
N MET A 96 -3.97 -19.56 0.24
CA MET A 96 -3.91 -19.81 1.70
C MET A 96 -2.59 -19.27 2.23
N ILE A 97 -2.68 -18.33 3.17
CA ILE A 97 -1.49 -17.79 3.88
C ILE A 97 -1.72 -18.05 5.36
N GLY A 98 -0.64 -18.21 6.10
CA GLY A 98 -0.71 -18.53 7.54
C GLY A 98 0.66 -18.77 8.14
N CYS A 99 0.65 -18.82 9.47
CA CYS A 99 1.81 -19.04 10.34
C CYS A 99 1.36 -19.92 11.52
N GLU A 100 2.29 -20.68 12.09
CA GLU A 100 2.09 -21.42 13.36
C GLU A 100 3.08 -20.92 14.40
N LEU A 101 2.59 -20.78 15.62
CA LEU A 101 3.49 -20.62 16.80
C LEU A 101 3.50 -21.99 17.51
N LEU A 102 4.56 -22.78 17.35
CA LEU A 102 4.62 -24.18 17.90
C LEU A 102 4.77 -24.15 19.43
N GLU A 103 4.54 -25.30 20.05
CA GLU A 103 4.62 -25.54 21.52
C GLU A 103 6.01 -25.14 22.04
N ASP A 104 7.07 -25.35 21.24
CA ASP A 104 8.48 -25.00 21.61
C ASP A 104 8.84 -23.54 21.26
N GLY A 105 7.89 -22.68 20.85
CA GLY A 105 8.12 -21.24 20.64
C GLY A 105 8.64 -20.90 19.25
N SER A 106 9.01 -21.91 18.46
CA SER A 106 9.50 -21.77 17.07
C SER A 106 8.28 -21.59 16.15
N THR A 107 8.46 -21.03 14.96
CA THR A 107 7.34 -20.56 14.10
C THR A 107 7.43 -21.15 12.69
N THR A 108 6.31 -21.28 11.99
CA THR A 108 6.31 -21.59 10.54
C THR A 108 5.51 -20.51 9.82
N GLY A 109 5.70 -20.46 8.51
CA GLY A 109 4.94 -19.62 7.56
C GLY A 109 4.76 -20.34 6.25
N PHE A 110 3.62 -20.16 5.60
CA PHE A 110 3.27 -20.82 4.32
C PHE A 110 2.40 -19.87 3.48
N LEU A 111 2.62 -19.91 2.18
CA LEU A 111 1.82 -19.19 1.18
C LEU A 111 1.72 -20.13 -0.02
N GLN A 112 0.51 -20.36 -0.51
CA GLN A 112 0.29 -21.20 -1.71
C GLN A 112 -1.00 -20.83 -2.42
N TYR A 113 -1.02 -21.12 -3.72
CA TYR A 113 -2.20 -20.94 -4.60
C TYR A 113 -2.61 -22.26 -5.22
N ALA A 114 -3.90 -22.37 -5.54
CA ALA A 114 -4.51 -23.53 -6.22
C ALA A 114 -5.39 -23.02 -7.37
N TYR A 115 -5.32 -23.71 -8.50
CA TYR A 115 -6.21 -23.54 -9.66
C TYR A 115 -7.09 -24.77 -9.77
N ASP A 116 -8.41 -24.61 -9.66
CA ASP A 116 -9.40 -25.72 -9.69
C ASP A 116 -9.04 -26.75 -8.60
N GLY A 117 -8.66 -26.29 -7.41
CA GLY A 117 -8.37 -27.12 -6.22
C GLY A 117 -7.05 -27.91 -6.30
N GLN A 118 -6.19 -27.64 -7.30
CA GLN A 118 -4.84 -28.28 -7.44
C GLN A 118 -3.73 -27.26 -7.09
N ASP A 119 -2.75 -27.70 -6.29
CA ASP A 119 -1.44 -27.03 -6.10
C ASP A 119 -0.99 -26.45 -7.46
N PHE A 120 -0.90 -25.13 -7.51
CA PHE A 120 -0.45 -24.32 -8.66
C PHE A 120 0.94 -23.76 -8.32
N LEU A 121 1.02 -23.05 -7.18
CA LEU A 121 2.25 -22.34 -6.74
C LEU A 121 2.37 -22.40 -5.22
N ILE A 122 3.58 -22.75 -4.75
CA ILE A 122 3.92 -22.83 -3.31
C ILE A 122 5.16 -21.96 -3.07
N PHE A 123 5.10 -21.15 -2.04
CA PHE A 123 6.20 -20.25 -1.64
C PHE A 123 7.10 -21.02 -0.68
N ASN A 124 8.42 -20.94 -0.89
CA ASN A 124 9.47 -21.25 0.12
C ASN A 124 10.03 -19.90 0.60
N LYS A 125 9.74 -19.54 1.86
CA LYS A 125 10.13 -18.25 2.46
C LYS A 125 11.61 -18.33 2.89
N ASP A 126 12.19 -19.53 2.89
CA ASP A 126 13.62 -19.74 3.27
C ASP A 126 14.51 -19.51 2.05
N THR A 127 14.18 -20.11 0.90
CA THR A 127 14.95 -19.94 -0.36
C THR A 127 14.44 -18.71 -1.12
N LEU A 128 13.32 -18.09 -0.69
CA LEU A 128 12.64 -16.95 -1.38
C LEU A 128 12.30 -17.35 -2.81
N SER A 129 11.55 -18.42 -2.99
CA SER A 129 11.26 -19.01 -4.32
C SER A 129 9.90 -19.71 -4.31
N TRP A 130 9.27 -19.73 -5.50
CA TRP A 130 7.97 -20.36 -5.84
C TRP A 130 8.23 -21.68 -6.58
N LEU A 131 7.70 -22.80 -6.07
CA LEU A 131 7.69 -24.10 -6.78
C LEU A 131 6.46 -24.13 -7.71
N ALA A 132 6.69 -24.26 -9.01
CA ALA A 132 5.66 -24.27 -10.08
C ALA A 132 5.41 -25.73 -10.48
N VAL A 133 4.14 -26.15 -10.56
CA VAL A 133 3.74 -27.55 -10.89
C VAL A 133 3.77 -27.78 -12.43
N ASP A 134 3.54 -26.75 -13.25
CA ASP A 134 3.44 -26.84 -14.74
C ASP A 134 4.08 -25.61 -15.41
N ASN A 135 3.85 -25.45 -16.72
CA ASN A 135 4.52 -24.42 -17.55
C ASN A 135 3.83 -23.06 -17.44
N VAL A 136 2.54 -22.98 -17.03
CA VAL A 136 1.88 -21.65 -16.81
C VAL A 136 2.25 -21.16 -15.40
N ALA A 137 2.25 -22.06 -14.41
CA ALA A 137 2.84 -21.81 -13.07
C ALA A 137 4.25 -21.20 -13.25
N HIS A 138 5.12 -21.87 -14.03
CA HIS A 138 6.55 -21.52 -14.27
C HIS A 138 6.65 -20.15 -14.97
N THR A 139 5.62 -19.73 -15.72
CA THR A 139 5.51 -18.33 -16.25
C THR A 139 5.28 -17.33 -15.10
N ILE A 140 4.33 -17.60 -14.20
CA ILE A 140 3.98 -16.70 -13.05
C ILE A 140 5.17 -16.70 -12.07
N LYS A 141 5.70 -17.88 -11.72
CA LYS A 141 6.99 -18.07 -11.01
C LYS A 141 7.98 -16.98 -11.42
N GLN A 142 8.28 -16.86 -12.73
CA GLN A 142 9.25 -15.88 -13.32
C GLN A 142 8.90 -14.45 -12.90
N ALA A 143 7.73 -13.98 -13.32
CA ALA A 143 7.29 -12.59 -13.06
C ALA A 143 7.40 -12.29 -11.55
N TRP A 144 7.03 -13.26 -10.72
CA TRP A 144 6.92 -13.11 -9.24
C TRP A 144 8.33 -13.06 -8.65
N GLU A 145 9.20 -13.94 -9.14
CA GLU A 145 10.59 -14.12 -8.64
C GLU A 145 11.48 -12.99 -9.17
N ALA A 146 11.00 -12.22 -10.15
CA ALA A 146 11.71 -11.02 -10.64
C ALA A 146 11.48 -9.84 -9.67
N ASN A 147 10.60 -9.97 -8.67
CA ASN A 147 10.24 -8.83 -7.79
C ASN A 147 10.73 -9.10 -6.36
N GLN A 148 12.01 -8.85 -6.14
CA GLN A 148 12.71 -9.12 -4.86
C GLN A 148 11.99 -8.40 -3.72
N HIS A 149 11.51 -7.17 -3.92
CA HIS A 149 10.78 -6.39 -2.87
C HIS A 149 9.54 -7.19 -2.45
N GLU A 150 8.84 -7.82 -3.39
CA GLU A 150 7.63 -8.63 -3.07
C GLU A 150 7.98 -9.90 -2.28
N LEU A 151 9.03 -10.61 -2.70
CA LEU A 151 9.51 -11.84 -2.01
C LEU A 151 9.83 -11.50 -0.56
N LEU A 152 10.61 -10.43 -0.37
CA LEU A 152 11.11 -10.01 0.96
C LEU A 152 9.92 -9.49 1.80
N TYR A 153 8.98 -8.77 1.20
CA TYR A 153 7.76 -8.29 1.91
C TYR A 153 7.01 -9.52 2.48
N GLN A 154 6.90 -10.58 1.67
CA GLN A 154 6.14 -11.83 1.98
C GLN A 154 6.82 -12.54 3.16
N LYS A 155 8.13 -12.74 3.05
CA LYS A 155 8.93 -13.39 4.10
C LYS A 155 8.67 -12.62 5.41
N ASN A 156 8.83 -11.31 5.36
CA ASN A 156 8.65 -10.45 6.56
C ASN A 156 7.21 -10.57 7.04
N TRP A 157 6.23 -10.67 6.13
CA TRP A 157 4.82 -10.79 6.57
C TRP A 157 4.66 -12.07 7.39
N LEU A 158 5.08 -13.19 6.80
CA LEU A 158 4.91 -14.54 7.38
C LEU A 158 5.67 -14.66 8.71
N GLU A 159 6.88 -14.09 8.83
CA GLU A 159 7.74 -14.30 10.02
C GLU A 159 7.44 -13.28 11.11
N GLU A 160 7.08 -12.04 10.77
CA GLU A 160 6.92 -10.98 11.81
C GLU A 160 5.44 -10.66 11.99
N GLU A 161 4.76 -10.22 10.94
CA GLU A 161 3.38 -9.65 11.06
C GLU A 161 2.41 -10.76 11.44
N CYS A 162 2.46 -11.88 10.72
CA CYS A 162 1.50 -12.98 10.90
C CYS A 162 1.55 -13.44 12.37
N ILE A 163 2.76 -13.69 12.87
CA ILE A 163 3.01 -14.21 14.24
C ILE A 163 2.50 -13.16 15.24
N ALA A 164 2.73 -11.87 14.98
CA ALA A 164 2.28 -10.78 15.88
C ALA A 164 0.75 -10.72 15.86
N TRP A 165 0.10 -10.95 14.72
CA TRP A 165 -1.38 -10.98 14.64
C TRP A 165 -1.90 -12.18 15.41
N LEU A 166 -1.32 -13.34 15.12
CA LEU A 166 -1.71 -14.61 15.79
C LEU A 166 -1.63 -14.40 17.30
N LYS A 167 -0.50 -13.90 17.82
CA LYS A 167 -0.36 -13.65 19.28
C LYS A 167 -1.46 -12.66 19.72
N ARG A 168 -1.70 -11.62 18.94
CA ARG A 168 -2.74 -10.63 19.31
C ARG A 168 -4.10 -11.33 19.44
N PHE A 169 -4.47 -12.17 18.46
CA PHE A 169 -5.78 -12.88 18.41
C PHE A 169 -5.88 -14.01 19.47
N LEU A 170 -4.79 -14.72 19.75
CA LEU A 170 -4.70 -15.73 20.83
C LEU A 170 -5.15 -15.13 22.17
N GLU A 171 -4.59 -13.99 22.54
CA GLU A 171 -4.98 -13.23 23.76
C GLU A 171 -6.47 -12.87 23.75
N TYR A 172 -6.96 -12.20 22.70
CA TYR A 172 -8.40 -11.87 22.50
C TYR A 172 -9.28 -13.12 22.75
N GLY A 173 -8.90 -14.27 22.20
CA GLY A 173 -9.72 -15.50 22.26
C GLY A 173 -9.26 -16.52 23.29
N LYS A 174 -8.41 -16.14 24.26
CA LYS A 174 -7.72 -17.10 25.21
C LYS A 174 -8.75 -18.03 25.87
N ASP A 175 -9.86 -17.48 26.38
CA ASP A 175 -10.92 -18.24 27.11
C ASP A 175 -11.49 -19.33 26.20
N THR A 176 -11.48 -19.16 24.89
CA THR A 176 -11.89 -20.21 23.91
C THR A 176 -10.69 -21.08 23.52
N LEU A 177 -9.61 -20.45 23.08
CA LEU A 177 -8.54 -21.13 22.31
C LEU A 177 -7.55 -21.85 23.21
N GLN A 178 -7.40 -21.40 24.46
CA GLN A 178 -6.38 -21.98 25.37
C GLN A 178 -7.07 -22.82 26.45
N ARG A 179 -8.38 -23.04 26.34
CA ARG A 179 -9.13 -23.92 27.27
C ARG A 179 -8.92 -25.39 26.88
N THR A 180 -9.21 -26.28 27.83
CA THR A 180 -9.23 -27.74 27.64
C THR A 180 -10.56 -28.26 28.18
N GLU A 181 -11.29 -29.01 27.35
CA GLU A 181 -12.45 -29.84 27.74
C GLU A 181 -11.98 -31.27 27.55
N PRO A 182 -11.65 -31.98 28.67
CA PRO A 182 -11.07 -33.30 28.60
C PRO A 182 -12.06 -34.28 27.99
N PRO A 183 -11.62 -35.29 27.23
CA PRO A 183 -12.56 -36.21 26.60
C PRO A 183 -13.23 -37.10 27.65
N LEU A 184 -14.52 -37.37 27.48
CA LEU A 184 -15.21 -38.47 28.16
C LEU A 184 -15.05 -39.68 27.26
N VAL A 185 -14.40 -40.75 27.77
CA VAL A 185 -14.05 -41.97 26.99
C VAL A 185 -14.81 -43.17 27.60
N ARG A 186 -15.51 -43.92 26.75
CA ARG A 186 -16.25 -45.16 27.13
C ARG A 186 -15.80 -46.25 26.15
N VAL A 187 -15.53 -47.41 26.71
CA VAL A 187 -15.29 -48.66 25.97
C VAL A 187 -16.54 -49.53 26.11
N ASN A 188 -17.00 -50.08 25.00
CA ASN A 188 -18.04 -51.11 25.06
C ASN A 188 -17.68 -52.18 24.03
N ARG A 189 -18.22 -53.37 24.29
CA ARG A 189 -18.02 -54.63 23.56
C ARG A 189 -19.37 -54.93 22.93
N LYS A 190 -19.43 -55.12 21.62
CA LYS A 190 -20.71 -55.31 20.91
C LYS A 190 -20.54 -56.42 19.87
N GLU A 191 -21.45 -57.40 19.90
CA GLU A 191 -21.81 -58.25 18.75
C GLU A 191 -22.48 -57.29 17.75
N THR A 192 -21.74 -56.79 16.77
CA THR A 192 -22.23 -55.72 15.87
C THR A 192 -23.05 -56.36 14.74
N PHE A 193 -22.58 -57.51 14.22
CA PHE A 193 -23.20 -58.27 13.10
C PHE A 193 -22.84 -59.74 13.28
N PRO A 194 -23.57 -60.67 12.60
CA PRO A 194 -23.24 -62.09 12.62
C PRO A 194 -21.76 -62.52 12.25
N GLY A 195 -21.10 -63.09 13.33
CA GLY A 195 -19.68 -63.45 13.37
C GLY A 195 -18.77 -62.34 13.91
N VAL A 196 -19.25 -61.10 14.10
CA VAL A 196 -18.36 -59.94 14.42
C VAL A 196 -18.63 -59.45 15.84
N THR A 197 -17.62 -59.57 16.70
CA THR A 197 -17.69 -58.99 18.06
C THR A 197 -16.60 -57.91 18.08
N ALA A 198 -16.91 -56.73 18.60
CA ALA A 198 -15.92 -55.63 18.48
C ALA A 198 -15.80 -54.79 19.77
N LEU A 199 -14.63 -54.18 19.96
CA LEU A 199 -14.44 -53.25 21.10
C LEU A 199 -14.39 -51.82 20.57
N PHE A 200 -15.24 -50.95 21.09
CA PHE A 200 -15.31 -49.53 20.71
C PHE A 200 -14.76 -48.74 21.89
N CYS A 201 -13.83 -47.84 21.56
CA CYS A 201 -13.32 -46.80 22.44
C CYS A 201 -13.82 -45.48 21.87
N LYS A 202 -14.79 -44.83 22.54
CA LYS A 202 -15.47 -43.63 22.02
C LYS A 202 -15.13 -42.47 22.96
N ALA A 203 -14.67 -41.37 22.39
CA ALA A 203 -14.37 -40.12 23.10
C ALA A 203 -15.36 -39.05 22.65
N HIS A 204 -15.85 -38.20 23.55
CA HIS A 204 -16.62 -37.01 23.11
C HIS A 204 -16.48 -35.92 24.16
N GLY A 205 -16.92 -34.70 23.83
CA GLY A 205 -16.93 -33.55 24.74
C GLY A 205 -15.57 -32.87 24.76
N PHE A 206 -14.69 -33.17 23.80
CA PHE A 206 -13.30 -32.71 23.95
C PHE A 206 -13.07 -31.44 23.13
N TYR A 207 -12.23 -30.59 23.70
CA TYR A 207 -11.59 -29.46 23.01
C TYR A 207 -10.19 -29.33 23.59
N PRO A 208 -9.12 -29.09 22.80
CA PRO A 208 -9.19 -28.97 21.34
C PRO A 208 -9.50 -30.26 20.61
N PRO A 209 -9.76 -30.20 19.28
CA PRO A 209 -10.00 -31.41 18.47
C PRO A 209 -8.83 -32.41 18.28
N GLU A 210 -7.59 -31.96 18.35
CA GLU A 210 -6.41 -32.87 18.19
C GLU A 210 -6.52 -33.91 19.31
N ILE A 211 -6.59 -35.17 18.92
CA ILE A 211 -6.64 -36.31 19.87
C ILE A 211 -5.99 -37.50 19.16
N TYR A 212 -5.22 -38.29 19.92
CA TYR A 212 -4.68 -39.61 19.53
C TYR A 212 -5.40 -40.67 20.37
N MET A 213 -5.98 -41.66 19.67
CA MET A 213 -6.69 -42.83 20.22
C MET A 213 -6.08 -44.05 19.54
N THR A 214 -5.66 -45.05 20.30
CA THR A 214 -5.28 -46.38 19.71
C THR A 214 -5.69 -47.51 20.66
N TRP A 215 -5.65 -48.73 20.14
CA TRP A 215 -5.92 -49.99 20.87
C TRP A 215 -4.61 -50.76 21.04
N MET A 216 -4.36 -51.29 22.23
CA MET A 216 -3.11 -52.00 22.61
C MET A 216 -3.47 -53.44 22.96
N LYS A 217 -2.58 -54.38 22.69
CA LYS A 217 -2.73 -55.82 23.05
C LYS A 217 -1.61 -56.19 24.04
N ASN A 218 -1.98 -56.75 25.19
CA ASN A 218 -1.09 -57.09 26.34
C ASN A 218 -0.25 -55.87 26.75
N GLY A 219 -0.76 -54.66 26.51
CA GLY A 219 -0.13 -53.39 26.89
C GLY A 219 1.21 -53.16 26.19
N GLU A 220 1.71 -54.14 25.43
CA GLU A 220 2.95 -54.01 24.63
C GLU A 220 2.55 -53.51 23.24
N GLU A 221 1.96 -54.39 22.42
CA GLU A 221 1.81 -54.22 20.96
C GLU A 221 0.64 -53.30 20.65
N ILE A 222 0.88 -52.24 19.85
CA ILE A 222 -0.16 -51.46 19.13
C ILE A 222 -0.80 -52.41 18.11
N VAL A 223 -2.12 -52.39 17.92
CA VAL A 223 -2.81 -53.32 16.97
C VAL A 223 -2.77 -52.72 15.56
N GLN A 224 -2.67 -53.59 14.54
CA GLN A 224 -2.45 -53.25 13.09
C GLN A 224 -3.79 -53.06 12.35
N GLU A 225 -4.89 -53.67 12.83
CA GLU A 225 -6.22 -53.81 12.17
C GLU A 225 -7.26 -52.84 12.79
N ILE A 226 -6.87 -51.64 13.23
CA ILE A 226 -7.80 -50.68 13.91
C ILE A 226 -8.62 -49.92 12.86
N ASP A 227 -9.93 -49.83 13.11
CA ASP A 227 -10.89 -48.92 12.44
C ASP A 227 -11.01 -47.63 13.26
N TYR A 228 -11.02 -46.46 12.58
CA TYR A 228 -10.96 -45.10 13.19
C TYR A 228 -12.16 -44.27 12.74
N GLY A 229 -12.78 -43.58 13.70
CA GLY A 229 -13.83 -42.58 13.44
C GLY A 229 -13.19 -41.21 13.44
N ASP A 230 -13.49 -40.41 12.42
CA ASP A 230 -12.89 -39.07 12.21
C ASP A 230 -13.15 -38.24 13.47
N ILE A 231 -12.21 -37.36 13.80
CA ILE A 231 -12.49 -36.25 14.75
C ILE A 231 -13.59 -35.42 14.10
N LEU A 232 -14.78 -35.36 14.70
CA LEU A 232 -15.96 -34.68 14.14
C LEU A 232 -16.47 -33.64 15.12
N PRO A 233 -16.88 -32.46 14.60
CA PRO A 233 -17.48 -31.42 15.43
C PRO A 233 -18.84 -31.90 15.94
N SER A 234 -19.11 -31.72 17.22
CA SER A 234 -20.40 -32.13 17.84
C SER A 234 -21.45 -31.03 17.66
N GLY A 235 -21.03 -29.78 17.41
CA GLY A 235 -21.87 -28.60 17.16
C GLY A 235 -21.89 -27.67 18.37
N ASP A 236 -21.26 -28.03 19.49
CA ASP A 236 -21.30 -27.27 20.76
C ASP A 236 -19.90 -26.69 21.05
N GLY A 237 -19.03 -26.66 20.04
CA GLY A 237 -17.65 -26.21 20.23
C GLY A 237 -16.73 -27.32 20.73
N THR A 238 -17.25 -28.54 20.95
CA THR A 238 -16.46 -29.74 21.33
C THR A 238 -16.54 -30.77 20.21
N TYR A 239 -15.79 -31.87 20.35
CA TYR A 239 -15.49 -32.85 19.27
C TYR A 239 -15.65 -34.28 19.80
N GLN A 240 -15.70 -35.25 18.89
CA GLN A 240 -16.01 -36.65 19.18
C GLN A 240 -15.27 -37.51 18.15
N ALA A 241 -14.83 -38.68 18.61
CA ALA A 241 -14.03 -39.62 17.81
C ALA A 241 -14.11 -41.01 18.45
N TRP A 242 -13.76 -42.01 17.68
CA TRP A 242 -13.66 -43.39 18.21
C TRP A 242 -12.62 -44.19 17.42
N ALA A 243 -12.27 -45.33 18.00
CA ALA A 243 -11.36 -46.35 17.49
C ALA A 243 -11.98 -47.69 17.88
N SER A 244 -11.91 -48.70 17.03
CA SER A 244 -12.58 -49.98 17.32
C SER A 244 -11.68 -51.10 16.80
N ILE A 245 -11.78 -52.26 17.44
CA ILE A 245 -11.00 -53.45 17.03
C ILE A 245 -11.91 -54.67 17.15
N GLU A 246 -11.69 -55.66 16.30
CA GLU A 246 -12.48 -56.92 16.39
C GLU A 246 -11.63 -57.92 17.17
N LEU A 247 -12.27 -58.80 17.95
CA LEU A 247 -11.48 -59.70 18.80
C LEU A 247 -12.12 -61.08 18.92
N ASP A 248 -11.38 -62.03 19.49
CA ASP A 248 -11.97 -63.34 19.80
C ASP A 248 -12.82 -63.11 21.05
N PRO A 249 -14.11 -63.45 21.06
CA PRO A 249 -14.93 -63.30 22.27
C PRO A 249 -14.14 -63.62 23.55
N GLN A 250 -13.23 -64.61 23.53
CA GLN A 250 -12.35 -64.91 24.69
C GLN A 250 -10.92 -64.42 24.40
N ASN A 253 -6.40 -62.56 25.95
CA ASN A 253 -5.60 -61.30 25.80
C ASN A 253 -6.30 -60.14 26.50
N LEU A 254 -5.55 -59.25 27.14
CA LEU A 254 -6.06 -57.97 27.69
C LEU A 254 -5.88 -56.87 26.63
N TYR A 255 -7.01 -56.30 26.22
CA TYR A 255 -6.98 -55.18 25.26
C TYR A 255 -7.14 -53.88 26.04
N SER A 256 -6.47 -52.83 25.61
CA SER A 256 -6.53 -51.51 26.26
C SER A 256 -6.58 -50.41 25.19
N CYS A 257 -7.44 -49.43 25.42
CA CYS A 257 -7.60 -48.19 24.67
C CYS A 257 -6.73 -47.10 25.30
N HIS A 258 -5.87 -46.46 24.50
CA HIS A 258 -4.96 -45.35 24.90
C HIS A 258 -5.42 -44.08 24.18
N VAL A 259 -5.64 -43.03 24.93
CA VAL A 259 -6.10 -41.71 24.45
C VAL A 259 -5.10 -40.69 24.99
N GLU A 260 -4.52 -39.89 24.09
CA GLU A 260 -3.67 -38.74 24.45
C GLU A 260 -4.44 -37.52 23.98
N HIS A 261 -4.63 -36.56 24.87
CA HIS A 261 -5.32 -35.29 24.56
C HIS A 261 -4.69 -34.18 25.40
N SER A 262 -4.26 -33.08 24.76
CA SER A 262 -3.79 -31.83 25.44
C SER A 262 -2.89 -32.17 26.65
N GLY A 263 -1.90 -33.04 26.47
CA GLY A 263 -0.81 -33.27 27.45
C GLY A 263 -1.18 -34.29 28.55
N VAL A 264 -2.24 -35.07 28.32
CA VAL A 264 -2.79 -36.04 29.29
C VAL A 264 -2.93 -37.37 28.53
N HIS A 265 -2.39 -38.44 29.11
CA HIS A 265 -2.50 -39.83 28.57
C HIS A 265 -3.46 -40.63 29.47
N MET A 266 -4.33 -41.44 28.87
CA MET A 266 -5.42 -42.16 29.54
C MET A 266 -5.43 -43.58 29.00
N VAL A 267 -5.50 -44.58 29.89
CA VAL A 267 -5.59 -46.02 29.54
C VAL A 267 -6.91 -46.57 30.09
N LEU A 268 -7.65 -47.31 29.25
CA LEU A 268 -8.89 -48.04 29.61
C LEU A 268 -8.68 -49.49 29.17
N GLN A 269 -8.55 -50.41 30.15
CA GLN A 269 -8.50 -51.88 29.96
C GLN A 269 -9.88 -52.44 30.21
N VAL A 270 -10.28 -53.47 29.46
CA VAL A 270 -11.67 -54.03 29.42
C VAL A 270 -11.96 -54.86 30.70
N MET B 1 -9.61 -31.27 -15.47
CA MET B 1 -10.21 -30.72 -14.22
C MET B 1 -10.50 -31.89 -13.27
N ILE B 2 -9.80 -31.92 -12.13
CA ILE B 2 -10.03 -32.92 -11.04
C ILE B 2 -10.97 -32.31 -10.00
N GLN B 3 -12.06 -33.02 -9.69
CA GLN B 3 -13.13 -32.66 -8.73
C GLN B 3 -13.16 -33.76 -7.67
N ARG B 4 -13.45 -33.41 -6.43
CA ARG B 4 -13.50 -34.35 -5.30
C ARG B 4 -14.95 -34.46 -4.81
N THR B 5 -15.48 -35.69 -4.76
CA THR B 5 -16.82 -36.01 -4.23
C THR B 5 -16.80 -35.81 -2.72
N PRO B 6 -17.90 -35.31 -2.10
CA PRO B 6 -17.92 -35.09 -0.66
C PRO B 6 -17.99 -36.41 0.10
N LYS B 7 -17.21 -36.54 1.18
CA LYS B 7 -17.51 -37.47 2.29
C LYS B 7 -18.72 -36.93 3.07
N ILE B 8 -19.63 -37.82 3.49
CA ILE B 8 -20.92 -37.47 4.15
C ILE B 8 -21.06 -38.34 5.40
N GLN B 9 -21.14 -37.73 6.59
CA GLN B 9 -21.22 -38.46 7.89
C GLN B 9 -22.35 -37.89 8.74
N VAL B 10 -23.19 -38.79 9.26
CA VAL B 10 -24.45 -38.45 9.98
C VAL B 10 -24.31 -39.04 11.37
N TYR B 11 -24.50 -38.22 12.41
CA TYR B 11 -24.28 -38.61 13.82
C TYR B 11 -24.98 -37.61 14.74
N SER B 12 -25.13 -37.97 16.01
CA SER B 12 -25.80 -37.13 17.03
C SER B 12 -24.74 -36.33 17.80
N ARG B 13 -25.13 -35.17 18.34
CA ARG B 13 -24.24 -34.36 19.20
C ARG B 13 -23.81 -35.21 20.38
N HIS B 14 -24.77 -35.79 21.09
CA HIS B 14 -24.51 -36.67 22.27
C HIS B 14 -24.91 -38.08 21.91
N PRO B 15 -24.40 -39.10 22.64
CA PRO B 15 -24.92 -40.46 22.50
C PRO B 15 -26.45 -40.42 22.45
N ALA B 16 -27.02 -41.03 21.41
CA ALA B 16 -28.48 -41.10 21.16
C ALA B 16 -29.13 -41.84 22.32
N GLU B 17 -30.36 -41.45 22.65
CA GLU B 17 -31.21 -42.16 23.64
C GLU B 17 -32.66 -41.77 23.39
N ASN B 18 -33.45 -42.69 22.83
CA ASN B 18 -34.83 -42.42 22.33
C ASN B 18 -35.58 -41.62 23.40
N GLY B 19 -36.19 -40.49 23.02
CA GLY B 19 -37.03 -39.65 23.90
C GLY B 19 -36.25 -38.61 24.70
N LYS B 20 -34.94 -38.49 24.48
CA LYS B 20 -34.12 -37.39 25.07
C LYS B 20 -33.73 -36.43 23.96
N SER B 21 -33.89 -35.12 24.21
CA SER B 21 -33.57 -34.05 23.25
C SER B 21 -32.08 -34.12 22.89
N ASN B 22 -31.76 -34.22 21.58
CA ASN B 22 -30.38 -34.30 21.04
C ASN B 22 -30.22 -33.28 19.90
N PHE B 23 -29.20 -33.45 19.05
CA PHE B 23 -28.95 -32.68 17.81
C PHE B 23 -28.47 -33.66 16.75
N LEU B 24 -28.96 -33.55 15.51
CA LEU B 24 -28.54 -34.43 14.40
C LEU B 24 -27.61 -33.65 13.50
N ASN B 25 -26.41 -34.20 13.27
CA ASN B 25 -25.29 -33.56 12.53
C ASN B 25 -25.16 -34.26 11.19
N CYS B 26 -24.92 -33.49 10.13
CA CYS B 26 -24.41 -34.02 8.84
C CYS B 26 -23.19 -33.22 8.45
N TYR B 27 -22.03 -33.86 8.55
CA TYR B 27 -20.71 -33.25 8.22
C TYR B 27 -20.31 -33.68 6.81
N VAL B 28 -20.15 -32.67 5.96
CA VAL B 28 -19.91 -32.81 4.51
C VAL B 28 -18.56 -32.17 4.23
N SER B 29 -17.59 -32.96 3.80
CA SER B 29 -16.17 -32.54 3.74
C SER B 29 -15.51 -33.12 2.49
N GLY B 30 -14.32 -32.62 2.16
CA GLY B 30 -13.36 -33.22 1.22
C GLY B 30 -13.74 -32.96 -0.22
N PHE B 31 -14.72 -32.08 -0.44
CA PHE B 31 -15.34 -31.88 -1.78
C PHE B 31 -14.81 -30.62 -2.47
N HIS B 32 -14.92 -30.62 -3.81
CA HIS B 32 -14.49 -29.53 -4.72
C HIS B 32 -15.13 -29.72 -6.09
N PRO B 33 -15.79 -28.71 -6.67
CA PRO B 33 -15.81 -27.35 -6.14
C PRO B 33 -16.78 -27.10 -4.97
N SER B 34 -16.94 -25.84 -4.58
CA SER B 34 -17.59 -25.37 -3.33
C SER B 34 -19.11 -25.55 -3.40
N ASP B 35 -19.65 -25.49 -4.61
CA ASP B 35 -21.11 -25.52 -4.85
C ASP B 35 -21.66 -26.89 -4.41
N ILE B 36 -22.44 -26.89 -3.33
CA ILE B 36 -23.04 -28.10 -2.70
C ILE B 36 -24.47 -27.75 -2.27
N GLU B 37 -25.32 -28.77 -2.14
CA GLU B 37 -26.71 -28.70 -1.62
C GLU B 37 -26.84 -29.84 -0.60
N VAL B 38 -27.46 -29.57 0.56
CA VAL B 38 -27.62 -30.54 1.69
C VAL B 38 -29.03 -30.42 2.30
N ASP B 39 -29.71 -31.55 2.52
CA ASP B 39 -30.93 -31.64 3.37
C ASP B 39 -30.79 -32.69 4.48
N LEU B 40 -31.42 -32.43 5.62
CA LEU B 40 -31.75 -33.46 6.65
C LEU B 40 -33.17 -33.98 6.41
N LEU B 41 -33.30 -35.29 6.23
CA LEU B 41 -34.60 -35.90 5.92
C LEU B 41 -35.07 -36.75 7.09
N LYS B 42 -36.32 -36.57 7.52
CA LYS B 42 -36.89 -37.45 8.57
C LYS B 42 -37.89 -38.37 7.88
N ASN B 43 -37.54 -39.64 7.72
CA ASN B 43 -38.44 -40.56 6.99
C ASN B 43 -38.66 -39.98 5.59
N GLY B 44 -37.57 -39.67 4.88
CA GLY B 44 -37.67 -39.16 3.49
C GLY B 44 -38.21 -37.75 3.43
N GLU B 45 -38.54 -37.14 4.57
CA GLU B 45 -39.18 -35.80 4.57
C GLU B 45 -38.16 -34.71 4.88
N ARG B 46 -38.06 -33.70 3.99
CA ARG B 46 -37.13 -32.56 4.22
C ARG B 46 -37.51 -31.85 5.51
N ILE B 47 -36.53 -31.56 6.36
CA ILE B 47 -36.74 -30.84 7.66
C ILE B 47 -36.49 -29.34 7.43
N GLU B 48 -37.38 -28.44 7.90
CA GLU B 48 -37.40 -26.99 7.51
C GLU B 48 -36.39 -26.16 8.33
N LYS B 49 -36.49 -26.15 9.66
CA LYS B 49 -35.62 -25.31 10.53
C LYS B 49 -34.27 -26.02 10.67
N VAL B 50 -33.47 -26.03 9.60
CA VAL B 50 -32.12 -26.68 9.56
C VAL B 50 -31.07 -25.58 9.44
N GLU B 51 -30.00 -25.67 10.25
CA GLU B 51 -28.88 -24.70 10.27
C GLU B 51 -27.64 -25.34 9.63
N HIS B 52 -26.60 -24.54 9.39
CA HIS B 52 -25.31 -24.94 8.79
C HIS B 52 -24.23 -23.90 9.13
N SER B 53 -23.06 -24.38 9.51
CA SER B 53 -21.81 -23.60 9.55
C SER B 53 -21.68 -22.90 8.20
N ASP B 54 -20.99 -21.75 8.13
CA ASP B 54 -20.53 -21.14 6.86
C ASP B 54 -19.57 -22.11 6.17
N LEU B 55 -19.49 -22.01 4.85
CA LEU B 55 -18.49 -22.76 4.06
C LEU B 55 -17.13 -22.64 4.79
N SER B 56 -16.44 -23.75 5.00
CA SER B 56 -15.10 -23.78 5.61
C SER B 56 -14.07 -24.31 4.61
N PHE B 57 -12.82 -23.87 4.75
CA PHE B 57 -11.70 -24.16 3.82
C PHE B 57 -10.69 -25.09 4.48
N SER B 58 -10.29 -26.14 3.77
CA SER B 58 -9.22 -27.06 4.23
C SER B 58 -7.95 -26.68 3.50
N LYS B 59 -6.81 -27.00 4.14
CA LYS B 59 -5.42 -26.77 3.66
C LYS B 59 -5.19 -27.47 2.32
N ASP B 60 -5.84 -28.62 2.09
CA ASP B 60 -5.72 -29.38 0.81
C ASP B 60 -6.61 -28.74 -0.28
N TRP B 61 -7.24 -27.58 0.00
CA TRP B 61 -8.05 -26.80 -0.98
C TRP B 61 -9.47 -27.35 -1.09
N SER B 62 -9.83 -28.41 -0.39
CA SER B 62 -11.23 -28.93 -0.36
C SER B 62 -12.05 -28.05 0.59
N PHE B 63 -13.37 -28.27 0.67
CA PHE B 63 -14.33 -27.54 1.55
C PHE B 63 -15.08 -28.51 2.47
N TYR B 64 -15.56 -27.97 3.60
CA TYR B 64 -16.37 -28.71 4.60
C TYR B 64 -17.41 -27.78 5.22
N LEU B 65 -18.54 -28.36 5.62
CA LEU B 65 -19.66 -27.70 6.36
C LEU B 65 -20.24 -28.71 7.35
N LEU B 66 -20.97 -28.18 8.31
CA LEU B 66 -21.82 -28.93 9.25
C LEU B 66 -23.27 -28.47 9.08
N TYR B 67 -24.16 -29.38 8.68
CA TYR B 67 -25.64 -29.26 8.82
C TYR B 67 -26.07 -29.89 10.14
N TYR B 68 -26.97 -29.22 10.87
CA TYR B 68 -27.47 -29.67 12.18
C TYR B 68 -28.93 -29.19 12.39
N THR B 69 -29.65 -29.90 13.27
CA THR B 69 -31.02 -29.55 13.75
C THR B 69 -31.30 -30.23 15.09
N GLU B 70 -31.96 -29.52 16.02
CA GLU B 70 -32.45 -30.06 17.30
C GLU B 70 -33.51 -31.13 16.98
N PHE B 71 -33.38 -32.31 17.56
CA PHE B 71 -34.26 -33.46 17.25
C PHE B 71 -34.31 -34.40 18.45
N THR B 72 -35.42 -35.11 18.59
CA THR B 72 -35.62 -36.17 19.59
C THR B 72 -35.72 -37.49 18.85
N PRO B 73 -34.77 -38.42 19.07
CA PRO B 73 -34.80 -39.70 18.37
C PRO B 73 -35.85 -40.65 18.97
N THR B 74 -36.33 -41.58 18.15
CA THR B 74 -37.28 -42.66 18.55
C THR B 74 -36.97 -43.92 17.73
N GLU B 75 -37.68 -45.02 18.00
CA GLU B 75 -37.39 -46.35 17.43
C GLU B 75 -37.89 -46.42 15.98
N LYS B 76 -38.98 -45.70 15.66
CA LYS B 76 -39.69 -45.77 14.36
C LYS B 76 -39.19 -44.67 13.41
N ASP B 77 -38.63 -43.58 13.94
CA ASP B 77 -38.20 -42.40 13.12
C ASP B 77 -36.82 -42.66 12.50
N GLU B 78 -36.74 -42.59 11.17
CA GLU B 78 -35.50 -42.77 10.39
C GLU B 78 -35.01 -41.41 9.87
N TYR B 79 -33.79 -41.02 10.25
CA TYR B 79 -33.15 -39.75 9.84
C TYR B 79 -32.02 -40.04 8.86
N ALA B 80 -31.79 -39.09 7.95
CA ALA B 80 -30.80 -39.20 6.87
C ALA B 80 -30.39 -37.81 6.34
N CYS B 81 -29.31 -37.81 5.54
CA CYS B 81 -28.65 -36.60 4.98
C CYS B 81 -28.58 -36.79 3.46
N ARG B 82 -29.18 -35.88 2.71
CA ARG B 82 -29.16 -35.93 1.22
C ARG B 82 -28.26 -34.78 0.73
N VAL B 83 -27.32 -35.11 -0.14
CA VAL B 83 -26.31 -34.16 -0.67
C VAL B 83 -26.33 -34.25 -2.19
N ASN B 84 -26.46 -33.12 -2.88
CA ASN B 84 -26.11 -33.09 -4.32
C ASN B 84 -24.86 -32.22 -4.51
N HIS B 85 -24.05 -32.72 -5.44
CA HIS B 85 -22.78 -32.14 -5.88
C HIS B 85 -22.58 -32.48 -7.35
N VAL B 86 -21.87 -31.63 -8.06
CA VAL B 86 -21.61 -31.83 -9.51
C VAL B 86 -20.93 -33.19 -9.74
N THR B 87 -20.23 -33.72 -8.74
CA THR B 87 -19.49 -35.01 -8.77
C THR B 87 -20.45 -36.22 -8.78
N LEU B 88 -21.72 -36.01 -8.42
CA LEU B 88 -22.72 -37.09 -8.20
C LEU B 88 -23.71 -37.09 -9.37
N SER B 89 -23.89 -38.25 -10.02
CA SER B 89 -24.90 -38.45 -11.11
C SER B 89 -26.32 -38.60 -10.53
N GLN B 90 -26.51 -38.32 -9.23
CA GLN B 90 -27.82 -38.30 -8.54
C GLN B 90 -27.58 -37.96 -7.07
N PRO B 91 -28.55 -37.42 -6.30
CA PRO B 91 -28.33 -37.16 -4.88
C PRO B 91 -27.81 -38.42 -4.17
N LYS B 92 -26.97 -38.23 -3.15
CA LYS B 92 -26.52 -39.31 -2.23
C LYS B 92 -27.22 -39.08 -0.89
N ILE B 93 -28.01 -40.07 -0.46
CA ILE B 93 -28.70 -40.14 0.86
C ILE B 93 -27.88 -41.09 1.74
N VAL B 94 -27.44 -40.58 2.89
CA VAL B 94 -26.78 -41.38 3.96
C VAL B 94 -27.71 -41.40 5.18
N LYS B 95 -28.12 -42.59 5.60
CA LYS B 95 -28.91 -42.83 6.83
C LYS B 95 -28.01 -42.77 8.05
N TRP B 96 -28.50 -42.12 9.12
CA TRP B 96 -28.02 -42.24 10.51
C TRP B 96 -28.38 -43.61 11.08
N ASP B 97 -27.45 -44.42 11.59
CA ASP B 97 -27.83 -45.67 12.32
C ASP B 97 -27.36 -45.61 13.78
N ARG B 98 -27.87 -46.52 14.62
CA ARG B 98 -27.87 -46.42 16.10
C ARG B 98 -28.74 -45.22 16.49
N GLY C 3 1.69 2.08 14.21
CA GLY C 3 1.68 2.95 12.97
C GLY C 3 1.58 4.42 13.33
N GLN C 4 2.66 5.01 13.88
CA GLN C 4 2.65 6.20 14.78
C GLN C 4 3.53 7.36 14.27
N ASN C 5 4.87 7.22 14.29
CA ASN C 5 5.79 8.40 14.19
C ASN C 5 7.01 8.15 13.30
N ILE C 6 7.53 9.23 12.71
CA ILE C 6 8.65 9.20 11.73
C ILE C 6 9.34 10.55 11.77
N ASP C 7 10.67 10.56 11.86
CA ASP C 7 11.49 11.80 12.00
C ASP C 7 12.63 11.73 11.00
N GLN C 8 12.83 12.82 10.25
CA GLN C 8 14.07 12.96 9.46
C GLN C 8 14.56 14.40 9.61
N PRO C 9 15.85 14.69 9.37
CA PRO C 9 16.32 16.08 9.26
C PRO C 9 15.50 16.93 8.27
N THR C 10 15.23 18.18 8.66
CA THR C 10 14.60 19.21 7.79
C THR C 10 15.47 19.43 6.55
N GLU C 11 16.78 19.47 6.76
CA GLU C 11 17.74 19.97 5.75
C GLU C 11 19.13 19.35 5.97
N MET C 12 19.83 19.04 4.89
CA MET C 12 21.27 18.71 4.93
C MET C 12 21.99 19.40 3.78
N THR C 13 23.23 19.80 4.02
CA THR C 13 24.09 20.46 3.02
C THR C 13 25.40 19.70 2.92
N ALA C 14 25.80 19.32 1.71
CA ALA C 14 27.07 18.59 1.46
C ALA C 14 27.71 19.07 0.16
N THR C 15 29.01 18.84 -0.01
CA THR C 15 29.79 19.31 -1.19
C THR C 15 29.68 18.25 -2.30
N GLU C 16 29.42 18.70 -3.51
CA GLU C 16 29.57 17.91 -4.76
C GLU C 16 30.83 17.02 -4.69
N GLY C 17 30.73 15.77 -5.15
CA GLY C 17 31.82 14.80 -5.11
C GLY C 17 31.85 14.01 -3.80
N ALA C 18 31.19 14.47 -2.73
CA ALA C 18 31.29 13.88 -1.39
C ALA C 18 30.14 12.88 -1.16
N ILE C 19 29.88 12.54 0.09
CA ILE C 19 28.90 11.50 0.51
C ILE C 19 27.93 12.16 1.50
N VAL C 20 26.66 11.75 1.50
CA VAL C 20 25.71 12.13 2.57
C VAL C 20 24.88 10.90 2.95
N GLN C 21 24.56 10.85 4.23
CA GLN C 21 23.71 9.83 4.87
C GLN C 21 22.52 10.57 5.49
N ILE C 22 21.34 10.32 4.95
CA ILE C 22 20.06 10.89 5.46
C ILE C 22 19.38 9.85 6.37
N ASN C 23 19.38 10.11 7.66
CA ASN C 23 18.77 9.22 8.67
C ASN C 23 17.25 9.43 8.70
N CYS C 24 16.55 8.34 8.96
CA CYS C 24 15.10 8.27 9.20
C CYS C 24 14.85 7.34 10.38
N THR C 25 14.21 7.86 11.43
CA THR C 25 13.82 7.09 12.65
C THR C 25 12.31 7.05 12.73
N TYR C 26 11.79 5.90 13.13
CA TYR C 26 10.34 5.62 13.08
C TYR C 26 10.00 4.79 14.31
N GLN C 27 8.81 5.00 14.85
CA GLN C 27 8.24 4.20 15.94
C GLN C 27 6.89 3.70 15.42
N THR C 28 6.69 2.39 15.48
CA THR C 28 5.45 1.70 15.04
C THR C 28 5.31 0.38 15.81
N SER C 29 4.09 -0.04 16.07
CA SER C 29 3.73 -1.43 16.45
C SER C 29 3.09 -2.01 15.20
N GLY C 30 3.88 -2.67 14.36
CA GLY C 30 3.48 -3.13 13.04
C GLY C 30 4.24 -2.46 11.92
N PHE C 31 4.69 -3.27 10.95
CA PHE C 31 5.65 -2.81 9.92
C PHE C 31 5.60 -3.70 8.69
N ASN C 32 5.45 -3.08 7.51
CA ASN C 32 5.41 -3.79 6.21
C ASN C 32 6.36 -3.11 5.23
N GLY C 33 7.31 -2.31 5.72
CA GLY C 33 8.44 -1.83 4.91
C GLY C 33 8.62 -0.32 4.96
N LEU C 34 9.80 0.12 4.52
CA LEU C 34 10.23 1.53 4.58
C LEU C 34 10.76 1.90 3.21
N PHE C 35 10.28 3.04 2.74
CA PHE C 35 10.50 3.58 1.38
C PHE C 35 11.28 4.88 1.49
N TRP C 36 12.12 5.12 0.50
CA TRP C 36 12.70 6.45 0.20
C TRP C 36 12.21 6.88 -1.16
N TYR C 37 11.72 8.11 -1.24
CA TYR C 37 11.33 8.79 -2.49
C TYR C 37 12.15 10.07 -2.63
N GLN C 38 12.45 10.44 -3.88
CA GLN C 38 13.18 11.68 -4.18
C GLN C 38 12.19 12.66 -4.79
N GLN C 39 12.17 13.89 -4.31
CA GLN C 39 11.27 14.91 -4.91
C GLN C 39 12.09 16.15 -5.27
N HIS C 40 12.34 16.32 -6.55
CA HIS C 40 13.01 17.55 -7.00
C HIS C 40 12.07 18.75 -6.88
N ALA C 41 12.61 19.94 -6.61
CA ALA C 41 11.86 21.21 -6.49
C ALA C 41 10.90 21.29 -7.67
N GLY C 42 9.61 21.50 -7.36
CA GLY C 42 8.50 21.63 -8.33
C GLY C 42 8.16 20.34 -9.06
N GLU C 43 8.63 19.15 -8.65
CA GLU C 43 8.28 17.88 -9.35
C GLU C 43 7.59 16.91 -8.38
N ALA C 44 7.16 15.77 -8.90
CA ALA C 44 6.48 14.69 -8.16
C ALA C 44 7.51 13.83 -7.46
N PRO C 45 7.23 13.23 -6.29
CA PRO C 45 8.12 12.19 -5.74
C PRO C 45 8.29 11.02 -6.72
N THR C 46 9.48 10.42 -6.75
CA THR C 46 9.73 9.14 -7.49
C THR C 46 10.38 8.14 -6.53
N PHE C 47 9.99 6.89 -6.66
CA PHE C 47 10.48 5.78 -5.83
C PHE C 47 12.00 5.72 -5.92
N LEU C 48 12.69 5.58 -4.79
CA LEU C 48 14.14 5.27 -4.78
C LEU C 48 14.34 3.85 -4.27
N SER C 49 13.79 3.52 -3.13
CA SER C 49 14.19 2.28 -2.42
C SER C 49 13.04 1.76 -1.56
N TYR C 50 13.15 0.47 -1.27
CA TYR C 50 12.29 -0.31 -0.35
C TYR C 50 13.20 -1.24 0.45
N ASN C 51 13.04 -1.22 1.76
CA ASN C 51 13.67 -2.16 2.70
C ASN C 51 12.56 -2.65 3.62
N VAL C 52 12.54 -3.95 3.87
CA VAL C 52 11.60 -4.56 4.86
C VAL C 52 12.40 -5.45 5.80
N LEU C 53 13.42 -6.17 5.30
CA LEU C 53 14.36 -6.95 6.17
C LEU C 53 15.54 -6.06 6.54
N ASP C 54 16.16 -6.40 7.67
CA ASP C 54 17.41 -5.76 8.17
C ASP C 54 18.51 -5.86 7.12
N GLY C 55 19.19 -4.74 6.84
CA GLY C 55 20.45 -4.71 6.07
C GLY C 55 20.52 -3.58 5.07
N LEU C 56 21.48 -3.68 4.15
CA LEU C 56 21.89 -2.64 3.18
C LEU C 56 21.53 -3.13 1.77
N GLU C 57 20.82 -2.31 0.98
CA GLU C 57 20.52 -2.52 -0.46
C GLU C 57 21.23 -1.43 -1.26
N GLU C 58 22.13 -1.83 -2.16
CA GLU C 58 22.89 -0.91 -3.05
C GLU C 58 22.18 -0.85 -4.41
N LYS C 59 21.97 0.37 -4.92
CA LYS C 59 21.48 0.64 -6.30
C LYS C 59 22.31 1.81 -6.82
N GLY C 60 23.41 1.50 -7.51
CA GLY C 60 24.40 2.46 -8.03
C GLY C 60 25.03 3.31 -6.94
N ARG C 61 24.82 4.62 -7.02
CA ARG C 61 25.43 5.64 -6.14
C ARG C 61 24.67 5.70 -4.80
N PHE C 62 23.50 5.10 -4.77
CA PHE C 62 22.50 5.23 -3.68
C PHE C 62 22.48 3.90 -2.95
N SER C 63 22.41 3.94 -1.63
CA SER C 63 22.21 2.77 -0.76
C SER C 63 21.13 3.09 0.24
N SER C 64 20.36 2.10 0.64
CA SER C 64 19.30 2.26 1.67
C SER C 64 19.50 1.17 2.72
N PHE C 65 19.59 1.57 3.99
CA PHE C 65 19.82 0.68 5.15
C PHE C 65 18.56 0.67 6.03
N LEU C 66 18.26 -0.50 6.63
CA LEU C 66 17.20 -0.67 7.64
C LEU C 66 17.76 -1.51 8.79
N SER C 67 17.65 -0.99 10.02
CA SER C 67 17.54 -1.81 11.26
C SER C 67 16.08 -1.79 11.74
N ARG C 68 15.39 -2.92 11.64
CA ARG C 68 13.99 -3.11 12.08
C ARG C 68 13.90 -2.95 13.60
N SER C 69 14.92 -3.37 14.35
CA SER C 69 14.88 -3.43 15.82
C SER C 69 15.20 -2.05 16.40
N LYS C 70 16.02 -1.27 15.69
CA LYS C 70 16.41 0.09 16.16
C LYS C 70 15.43 1.13 15.64
N GLY C 71 14.42 0.76 14.84
CA GLY C 71 13.51 1.69 14.15
C GLY C 71 14.27 2.78 13.40
N TYR C 72 15.01 2.39 12.39
CA TYR C 72 16.14 3.20 11.85
C TYR C 72 16.43 2.79 10.41
N SER C 73 16.38 3.77 9.51
CA SER C 73 16.80 3.65 8.09
C SER C 73 17.72 4.82 7.73
N TYR C 74 18.70 4.62 6.84
CA TYR C 74 19.42 5.76 6.21
C TYR C 74 19.48 5.54 4.71
N LEU C 75 19.42 6.66 3.99
CA LEU C 75 19.64 6.73 2.52
C LEU C 75 21.04 7.31 2.37
N LEU C 76 21.96 6.53 1.80
CA LEU C 76 23.36 6.95 1.58
C LEU C 76 23.53 7.30 0.11
N LEU C 77 24.08 8.49 -0.16
CA LEU C 77 24.31 9.02 -1.52
C LEU C 77 25.80 9.28 -1.68
N LYS C 78 26.43 8.60 -2.64
CA LYS C 78 27.89 8.70 -2.90
C LYS C 78 28.08 9.55 -4.16
N GLU C 79 29.31 10.05 -4.35
CA GLU C 79 29.75 10.85 -5.54
C GLU C 79 28.67 11.89 -5.84
N LEU C 80 28.27 12.63 -4.81
CA LEU C 80 27.19 13.63 -4.90
C LEU C 80 27.37 14.45 -6.17
N GLN C 81 26.26 14.72 -6.84
CA GLN C 81 26.18 15.59 -8.06
C GLN C 81 25.20 16.70 -7.74
N MET C 82 25.25 17.78 -8.53
CA MET C 82 24.34 18.93 -8.36
C MET C 82 22.89 18.43 -8.51
N LYS C 83 22.67 17.45 -9.37
CA LYS C 83 21.33 16.93 -9.72
C LYS C 83 20.72 16.16 -8.54
N ASP C 84 21.54 15.78 -7.57
CA ASP C 84 21.03 15.10 -6.36
C ASP C 84 20.33 16.12 -5.45
N SER C 85 20.47 17.40 -5.76
CA SER C 85 19.77 18.44 -4.97
C SER C 85 18.26 18.22 -5.08
N ALA C 86 17.59 17.96 -3.95
CA ALA C 86 16.16 17.61 -3.94
C ALA C 86 15.73 17.31 -2.51
N SER C 87 14.45 17.02 -2.32
CA SER C 87 13.97 16.60 -0.98
C SER C 87 13.89 15.07 -0.97
N TYR C 88 14.32 14.46 0.12
CA TYR C 88 14.23 12.98 0.25
C TYR C 88 13.17 12.66 1.32
N LEU C 89 12.16 11.91 0.93
CA LEU C 89 10.99 11.58 1.78
C LEU C 89 11.17 10.14 2.24
N CYS C 90 11.20 9.95 3.54
CA CYS C 90 11.15 8.63 4.18
C CYS C 90 9.67 8.30 4.43
N ALA C 91 9.22 7.08 4.14
CA ALA C 91 7.84 6.65 4.50
C ALA C 91 7.83 5.16 4.85
N PHE C 92 7.00 4.74 5.82
CA PHE C 92 6.82 3.30 6.15
C PHE C 92 5.33 2.92 6.15
N LEU C 93 5.09 1.64 5.90
CA LEU C 93 3.76 1.00 6.03
C LEU C 93 3.62 0.40 7.42
N ASP C 94 2.52 0.68 8.08
CA ASP C 94 2.16 0.01 9.36
C ASP C 94 1.45 -1.31 9.03
N SER C 95 0.93 -1.98 10.04
CA SER C 95 0.42 -3.37 9.95
C SER C 95 -0.80 -3.42 9.05
N ASN C 96 -1.41 -2.26 8.81
CA ASN C 96 -2.66 -2.10 8.06
C ASN C 96 -2.39 -1.40 6.75
N TYR C 97 -1.12 -1.32 6.32
CA TYR C 97 -0.72 -0.68 5.04
C TYR C 97 -1.05 0.83 5.05
N GLN C 98 -1.22 1.47 6.21
CA GLN C 98 -1.21 2.95 6.30
C GLN C 98 0.21 3.42 5.93
N LEU C 99 0.31 4.35 4.98
CA LEU C 99 1.62 4.89 4.52
C LEU C 99 1.85 6.21 5.25
N ILE C 100 2.76 6.19 6.23
CA ILE C 100 3.11 7.34 7.11
C ILE C 100 4.37 8.03 6.56
N TRP C 101 4.23 9.31 6.22
CA TRP C 101 5.28 10.08 5.51
C TRP C 101 6.04 10.97 6.49
N GLY C 102 7.36 10.98 6.37
CA GLY C 102 8.24 11.98 6.97
C GLY C 102 8.03 13.33 6.32
N ALA C 103 8.38 14.40 7.03
CA ALA C 103 8.30 15.80 6.54
C ALA C 103 9.31 16.06 5.41
N GLY C 104 10.22 15.11 5.16
CA GLY C 104 11.20 15.19 4.08
C GLY C 104 12.48 15.88 4.52
N THR C 105 13.56 15.55 3.83
CA THR C 105 14.87 16.18 4.10
C THR C 105 15.31 16.92 2.83
N LYS C 106 15.51 18.23 2.91
CA LYS C 106 16.00 18.99 1.74
C LYS C 106 17.51 18.83 1.62
N LEU C 107 17.96 18.27 0.50
CA LEU C 107 19.41 18.09 0.27
C LEU C 107 19.94 19.21 -0.63
N ILE C 108 20.83 20.03 -0.09
CA ILE C 108 21.49 21.16 -0.79
C ILE C 108 22.92 20.73 -1.11
N ILE C 109 23.23 20.65 -2.39
CA ILE C 109 24.59 20.30 -2.88
C ILE C 109 25.31 21.59 -3.26
N LYS C 110 26.44 21.84 -2.61
CA LYS C 110 27.34 22.97 -2.91
C LYS C 110 28.34 22.54 -3.98
N PRO C 111 28.52 23.30 -5.08
CA PRO C 111 29.54 22.98 -6.07
C PRO C 111 30.94 23.25 -5.51
N ASP C 112 31.87 22.42 -5.93
CA ASP C 112 33.30 22.55 -5.58
C ASP C 112 33.88 23.68 -6.44
N ILE C 113 33.84 24.91 -5.95
CA ILE C 113 34.37 26.07 -6.72
C ILE C 113 35.90 26.00 -6.66
N GLN C 114 36.52 25.64 -7.77
CA GLN C 114 37.99 25.44 -7.85
C GLN C 114 38.67 26.80 -7.73
N ASN C 115 38.26 27.78 -8.53
CA ASN C 115 38.92 29.10 -8.58
C ASN C 115 37.91 30.19 -8.20
N PRO C 116 37.63 30.40 -6.91
CA PRO C 116 36.75 31.49 -6.51
C PRO C 116 37.18 32.80 -7.16
N ASP C 117 36.23 33.58 -7.68
CA ASP C 117 36.49 34.88 -8.33
C ASP C 117 35.37 35.83 -7.90
N PRO C 118 35.12 35.99 -6.57
CA PRO C 118 33.95 36.71 -6.07
C PRO C 118 33.90 38.15 -6.57
N ALA C 119 32.72 38.57 -7.05
CA ALA C 119 32.48 39.92 -7.59
C ALA C 119 30.98 40.28 -7.63
N VAL C 120 30.71 41.56 -7.45
CA VAL C 120 29.36 42.17 -7.55
C VAL C 120 29.39 43.00 -8.83
N TYR C 121 28.41 42.78 -9.67
CA TYR C 121 28.23 43.46 -10.95
C TYR C 121 26.84 44.09 -10.94
N GLN C 122 26.68 45.20 -11.63
CA GLN C 122 25.34 45.82 -11.83
C GLN C 122 24.96 45.64 -13.29
N LEU C 123 23.77 45.12 -13.55
CA LEU C 123 23.23 44.89 -14.91
C LEU C 123 22.13 45.91 -15.21
N ARG C 124 22.23 46.66 -16.31
CA ARG C 124 21.14 47.60 -16.72
C ARG C 124 20.07 46.83 -17.49
N ASP C 125 18.81 47.27 -17.37
CA ASP C 125 17.61 46.75 -18.08
C ASP C 125 17.81 46.98 -19.58
N SER C 126 17.54 45.97 -20.43
CA SER C 126 17.72 46.06 -21.91
C SER C 126 16.80 47.13 -22.52
N LYS C 127 15.62 47.39 -21.92
CA LYS C 127 14.74 48.53 -22.30
C LYS C 127 15.01 49.72 -21.38
N SER C 128 15.34 49.47 -20.10
CA SER C 128 15.64 50.47 -19.04
C SER C 128 14.47 51.45 -18.84
N LYS C 131 16.62 51.71 -14.51
CA LYS C 131 16.39 50.39 -13.85
C LYS C 131 17.65 49.48 -13.91
N SER C 132 17.96 48.81 -12.82
CA SER C 132 19.08 47.84 -12.76
C SER C 132 18.91 46.86 -11.61
N VAL C 133 19.65 45.76 -11.70
CA VAL C 133 19.77 44.68 -10.69
C VAL C 133 21.26 44.52 -10.38
N CYS C 134 21.55 43.82 -9.30
CA CYS C 134 22.90 43.54 -8.78
C CYS C 134 23.08 42.06 -8.87
N LEU C 135 24.26 41.59 -9.29
CA LEU C 135 24.66 40.16 -9.35
C LEU C 135 25.89 39.96 -8.48
N PHE C 136 25.79 39.16 -7.41
CA PHE C 136 26.94 38.59 -6.64
C PHE C 136 27.21 37.20 -7.23
N THR C 137 28.37 37.01 -7.84
CA THR C 137 28.70 35.76 -8.57
C THR C 137 30.14 35.31 -8.30
N ASP C 138 30.38 34.04 -8.66
CA ASP C 138 31.75 33.47 -8.65
C ASP C 138 32.31 33.33 -7.24
N PHE C 139 31.43 33.27 -6.26
CA PHE C 139 31.89 33.21 -4.85
C PHE C 139 32.07 31.74 -4.45
N ASP C 140 32.82 31.52 -3.37
CA ASP C 140 33.04 30.15 -2.86
C ASP C 140 31.74 29.65 -2.26
N SER C 141 31.54 28.35 -2.24
CA SER C 141 30.26 27.77 -1.74
C SER C 141 30.16 27.91 -0.22
N GLN C 142 31.23 28.34 0.43
CA GLN C 142 31.20 28.57 1.90
C GLN C 142 30.86 30.03 2.19
N THR C 143 30.36 30.77 1.20
CA THR C 143 30.05 32.21 1.39
C THR C 143 28.59 32.39 1.83
N ASN C 144 28.37 33.09 2.94
CA ASN C 144 27.00 33.42 3.41
C ASN C 144 26.48 34.57 2.54
N VAL C 145 25.24 34.43 2.07
CA VAL C 145 24.44 35.53 1.48
C VAL C 145 23.31 35.84 2.46
N SER C 146 23.39 36.96 3.19
CA SER C 146 22.42 37.33 4.26
C SER C 146 21.15 37.92 3.65
N GLN C 147 20.02 37.20 3.69
CA GLN C 147 18.69 37.65 3.17
C GLN C 147 18.28 38.91 3.94
N SER C 148 18.13 40.05 3.26
CA SER C 148 18.26 41.42 3.81
C SER C 148 17.16 41.73 4.84
N LYS C 149 17.29 42.87 5.51
CA LYS C 149 16.33 43.37 6.53
C LYS C 149 15.86 44.78 6.13
N ASP C 150 16.49 45.42 5.14
CA ASP C 150 15.91 46.57 4.39
C ASP C 150 14.74 46.04 3.54
N SER C 151 13.63 46.78 3.49
CA SER C 151 12.28 46.27 3.06
C SER C 151 12.04 46.51 1.55
N ASP C 152 12.62 47.61 1.00
CA ASP C 152 12.62 47.89 -0.47
C ASP C 152 13.74 47.09 -1.16
N VAL C 153 14.43 46.23 -0.42
CA VAL C 153 15.57 45.43 -0.94
C VAL C 153 15.17 43.97 -0.98
N TYR C 154 15.43 43.34 -2.13
CA TYR C 154 15.13 41.93 -2.45
C TYR C 154 16.46 41.26 -2.74
N ILE C 155 16.71 40.14 -2.08
CA ILE C 155 17.92 39.33 -2.32
C ILE C 155 17.46 37.88 -2.44
N THR C 156 17.76 37.24 -3.58
CA THR C 156 17.38 35.83 -3.90
C THR C 156 18.28 34.83 -3.15
N ASP C 157 17.90 33.56 -3.22
CA ASP C 157 18.74 32.46 -2.70
C ASP C 157 20.00 32.41 -3.57
N LYS C 158 21.05 31.76 -3.07
CA LYS C 158 22.19 31.37 -3.93
C LYS C 158 21.61 30.33 -4.88
N CYS C 159 22.11 30.34 -6.11
CA CYS C 159 21.67 29.57 -7.27
C CYS C 159 22.93 29.08 -7.98
N VAL C 160 22.94 27.85 -8.42
CA VAL C 160 24.16 27.28 -9.04
C VAL C 160 23.85 27.07 -10.50
N LEU C 161 24.59 27.71 -11.40
CA LEU C 161 24.45 27.43 -12.84
C LEU C 161 25.69 26.69 -13.31
N ASP C 162 25.48 25.95 -14.40
CA ASP C 162 26.49 25.09 -15.05
C ASP C 162 26.46 25.46 -16.54
N MET C 163 27.51 26.11 -17.01
CA MET C 163 27.74 26.35 -18.45
C MET C 163 28.34 25.06 -19.02
N ARG C 164 27.51 24.10 -19.36
CA ARG C 164 27.93 22.70 -19.66
C ARG C 164 28.99 22.67 -20.77
N SER C 165 28.91 23.59 -21.74
CA SER C 165 29.87 23.69 -22.87
C SER C 165 31.26 24.15 -22.37
N MET C 166 31.39 24.65 -21.14
CA MET C 166 32.66 25.20 -20.64
C MET C 166 33.14 24.40 -19.42
N ASP C 167 32.32 23.50 -18.89
CA ASP C 167 32.71 22.69 -17.70
C ASP C 167 33.02 23.60 -16.53
N PHE C 168 32.17 24.59 -16.32
CA PHE C 168 32.32 25.70 -15.33
C PHE C 168 30.99 25.83 -14.63
N LYS C 169 31.02 25.75 -13.30
CA LYS C 169 29.89 26.05 -12.39
C LYS C 169 30.18 27.35 -11.63
N SER C 170 29.13 28.07 -11.22
CA SER C 170 29.25 29.33 -10.45
C SER C 170 27.98 29.55 -9.63
N ASN C 171 28.24 30.09 -8.44
CA ASN C 171 27.15 30.47 -7.53
C ASN C 171 26.83 31.91 -7.84
N SER C 172 25.58 32.29 -7.70
CA SER C 172 25.12 33.69 -7.88
C SER C 172 24.05 33.99 -6.83
N ALA C 173 23.95 35.25 -6.45
CA ALA C 173 22.67 35.75 -5.93
C ALA C 173 22.37 37.08 -6.61
N VAL C 174 21.08 37.37 -6.72
CA VAL C 174 20.55 38.59 -7.38
C VAL C 174 19.87 39.42 -6.29
N ALA C 175 20.07 40.74 -6.34
CA ALA C 175 19.36 41.73 -5.52
C ALA C 175 18.86 42.87 -6.42
N TRP C 176 17.72 43.47 -6.07
CA TRP C 176 17.16 44.68 -6.74
C TRP C 176 16.40 45.53 -5.71
N SER C 177 16.15 46.78 -6.05
CA SER C 177 15.37 47.68 -5.18
C SER C 177 14.47 48.55 -6.04
N ASN C 178 13.39 49.03 -5.42
CA ASN C 178 12.41 49.98 -5.99
C ASN C 178 12.87 51.41 -5.69
N LYS C 179 13.96 51.57 -4.92
CA LYS C 179 14.55 52.90 -4.59
C LYS C 179 15.47 53.35 -5.72
N SER C 180 15.31 54.61 -6.19
CA SER C 180 16.19 55.32 -7.15
C SER C 180 17.66 55.16 -6.73
N ASP C 181 18.01 55.68 -5.55
CA ASP C 181 19.35 55.53 -4.90
C ASP C 181 19.39 54.18 -4.16
N PHE C 182 20.02 53.17 -4.78
CA PHE C 182 20.38 51.88 -4.15
C PHE C 182 21.64 51.36 -4.81
N ALA C 183 22.72 51.23 -4.04
CA ALA C 183 24.04 50.78 -4.53
C ALA C 183 24.11 49.26 -4.38
N CYS C 184 24.85 48.58 -5.26
CA CYS C 184 24.99 47.11 -5.24
C CYS C 184 25.91 46.65 -4.08
N ALA C 185 26.66 47.56 -3.43
CA ALA C 185 27.48 47.31 -2.22
C ALA C 185 26.62 47.30 -0.93
N ASN C 186 25.57 48.12 -0.88
CA ASN C 186 24.43 48.02 0.09
C ASN C 186 23.86 46.60 0.15
N ALA C 187 23.90 45.87 -0.96
CA ALA C 187 23.42 44.47 -1.06
C ALA C 187 24.61 43.54 -0.83
N PHE C 188 24.36 42.42 -0.16
CA PHE C 188 25.29 41.27 -0.04
C PHE C 188 26.39 41.53 1.01
N ASN C 189 26.42 42.71 1.64
CA ASN C 189 27.52 43.21 2.53
C ASN C 189 28.78 43.37 1.68
N ALA D 2 3.66 5.68 -20.25
CA ALA D 2 2.65 5.34 -19.25
C ALA D 2 2.63 6.44 -18.17
N GLY D 3 2.26 6.09 -16.93
CA GLY D 3 2.38 6.94 -15.73
C GLY D 3 1.05 7.49 -15.27
N VAL D 4 1.10 8.50 -14.43
CA VAL D 4 -0.05 9.20 -13.81
C VAL D 4 -0.24 10.56 -14.49
N THR D 5 -1.39 10.83 -15.10
CA THR D 5 -1.66 12.13 -15.76
C THR D 5 -2.57 12.96 -14.84
N GLN D 6 -2.04 14.01 -14.22
CA GLN D 6 -2.78 14.90 -13.29
C GLN D 6 -2.99 16.27 -13.95
N THR D 7 -4.22 16.79 -13.92
CA THR D 7 -4.59 18.13 -14.47
C THR D 7 -5.53 18.84 -13.48
N PRO D 8 -5.52 20.18 -13.37
CA PRO D 8 -4.56 21.04 -14.08
C PRO D 8 -3.24 21.09 -13.31
N LYS D 9 -2.21 21.69 -13.92
CA LYS D 9 -0.93 21.88 -13.23
C LYS D 9 -1.06 23.06 -12.24
N PHE D 10 -1.83 24.08 -12.62
CA PHE D 10 -2.04 25.29 -11.78
C PHE D 10 -3.51 25.71 -11.76
N GLN D 11 -3.92 26.34 -10.68
CA GLN D 11 -5.32 26.77 -10.57
C GLN D 11 -5.43 27.84 -9.49
N VAL D 12 -6.13 28.91 -9.82
CA VAL D 12 -6.56 29.94 -8.84
C VAL D 12 -8.10 29.88 -8.71
N LEU D 13 -8.59 29.91 -7.47
CA LEU D 13 -10.03 29.89 -7.16
C LEU D 13 -10.34 31.05 -6.23
N LYS D 14 -11.56 31.55 -6.34
CA LYS D 14 -12.20 32.43 -5.36
C LYS D 14 -12.73 31.56 -4.21
N THR D 15 -12.59 32.01 -2.97
CA THR D 15 -13.36 31.49 -1.82
C THR D 15 -14.74 31.07 -2.32
N GLY D 16 -15.12 29.81 -2.12
CA GLY D 16 -16.49 29.32 -2.33
C GLY D 16 -16.61 28.55 -3.64
N GLN D 17 -15.67 28.73 -4.56
CA GLN D 17 -15.75 28.11 -5.92
C GLN D 17 -15.47 26.61 -5.80
N SER D 18 -16.09 25.84 -6.69
CA SER D 18 -15.89 24.37 -6.80
C SER D 18 -14.92 24.08 -7.95
N MET D 19 -14.18 22.96 -7.85
CA MET D 19 -13.38 22.45 -8.99
C MET D 19 -13.17 20.94 -8.85
N THR D 20 -12.72 20.31 -9.93
CA THR D 20 -12.31 18.89 -9.96
C THR D 20 -10.88 18.77 -10.50
N LEU D 21 -9.96 18.25 -9.70
CA LEU D 21 -8.64 17.82 -10.21
C LEU D 21 -8.88 16.44 -10.83
N GLN D 22 -8.39 16.22 -12.04
CA GLN D 22 -8.47 14.91 -12.73
C GLN D 22 -7.13 14.21 -12.58
N CYS D 23 -7.21 12.88 -12.60
CA CYS D 23 -6.06 11.99 -12.44
C CYS D 23 -6.36 10.67 -13.13
N ALA D 24 -5.52 10.29 -14.07
CA ALA D 24 -5.69 9.05 -14.87
C ALA D 24 -4.37 8.29 -14.90
N GLN D 25 -4.44 6.97 -14.77
CA GLN D 25 -3.25 6.09 -14.90
C GLN D 25 -3.65 4.94 -15.83
N ASP D 26 -2.72 4.59 -16.71
CA ASP D 26 -2.86 3.55 -17.75
C ASP D 26 -2.10 2.29 -17.31
N MET D 27 -1.85 2.10 -16.02
CA MET D 27 -0.97 1.00 -15.53
C MET D 27 -1.78 -0.17 -14.93
N ASN D 28 -3.10 -0.07 -14.93
CA ASN D 28 -4.01 -1.07 -14.32
C ASN D 28 -3.85 -1.06 -12.79
N HIS D 29 -3.30 -0.01 -12.19
CA HIS D 29 -3.12 0.02 -10.72
C HIS D 29 -4.47 -0.01 -10.00
N ASN D 30 -4.54 -0.78 -8.92
CA ASN D 30 -5.76 -0.87 -8.09
C ASN D 30 -5.86 0.35 -7.20
N TYR D 31 -4.73 0.79 -6.65
CA TYR D 31 -4.67 1.81 -5.57
C TYR D 31 -4.45 3.17 -6.23
N MET D 32 -5.33 4.13 -5.92
CA MET D 32 -5.06 5.54 -6.24
C MET D 32 -5.27 6.36 -4.95
N TYR D 33 -4.53 7.45 -4.84
CA TYR D 33 -4.42 8.29 -3.63
C TYR D 33 -4.53 9.74 -4.07
N TRP D 34 -5.00 10.60 -3.17
CA TRP D 34 -4.86 12.06 -3.31
C TRP D 34 -4.14 12.55 -2.06
N TYR D 35 -3.02 13.25 -2.24
CA TYR D 35 -2.28 13.90 -1.12
C TYR D 35 -2.29 15.43 -1.26
N ARG D 36 -2.20 16.13 -0.13
CA ARG D 36 -1.77 17.54 -0.15
C ARG D 36 -0.41 17.61 0.53
N GLN D 37 0.46 18.45 -0.03
CA GLN D 37 1.82 18.73 0.48
C GLN D 37 1.85 20.18 0.92
N ASP D 38 2.14 20.42 2.20
CA ASP D 38 2.23 21.76 2.79
C ASP D 38 3.61 21.93 3.41
N PRO D 39 4.14 23.17 3.34
CA PRO D 39 5.42 23.47 3.99
C PRO D 39 5.60 22.84 5.37
N GLY D 40 6.75 22.21 5.58
CA GLY D 40 7.20 21.67 6.89
C GLY D 40 6.38 20.51 7.38
N MET D 41 5.58 19.85 6.54
CA MET D 41 4.92 18.61 7.03
C MET D 41 4.90 17.56 5.91
N GLY D 42 4.78 16.31 6.31
CA GLY D 42 4.76 15.18 5.39
C GLY D 42 3.50 15.28 4.55
N LEU D 43 3.51 14.60 3.41
CA LEU D 43 2.31 14.33 2.61
C LEU D 43 1.17 13.92 3.56
N ARG D 44 -0.01 14.51 3.42
CA ARG D 44 -1.22 14.10 4.17
C ARG D 44 -2.27 13.62 3.18
N LEU D 45 -2.78 12.41 3.38
CA LEU D 45 -3.73 11.73 2.47
C LEU D 45 -5.10 12.35 2.68
N ILE D 46 -5.78 12.70 1.59
CA ILE D 46 -7.14 13.29 1.63
C ILE D 46 -8.19 12.17 1.54
N TYR D 47 -8.06 11.34 0.50
CA TYR D 47 -8.90 10.17 0.19
C TYR D 47 -8.02 9.18 -0.56
N TYR D 48 -8.40 7.90 -0.57
CA TYR D 48 -7.75 6.84 -1.36
C TYR D 48 -8.84 5.94 -1.92
N SER D 49 -8.46 5.07 -2.86
CA SER D 49 -9.33 4.04 -3.47
C SER D 49 -8.53 2.75 -3.70
N ALA D 50 -8.93 1.66 -3.04
CA ALA D 50 -8.22 0.36 -3.08
C ALA D 50 -8.51 -0.34 -4.41
N SER D 51 -9.56 0.09 -5.10
CA SER D 51 -9.89 -0.36 -6.47
C SER D 51 -11.15 0.33 -7.01
N GLU D 52 -11.45 0.11 -8.29
CA GLU D 52 -12.70 0.57 -8.90
C GLU D 52 -13.82 0.07 -7.98
N GLY D 53 -14.78 0.95 -7.69
CA GLY D 53 -16.01 0.60 -6.98
C GLY D 53 -15.93 0.94 -5.51
N THR D 54 -14.79 1.45 -5.04
CA THR D 54 -14.68 1.82 -3.61
C THR D 54 -13.75 2.99 -3.41
N THR D 55 -14.03 3.73 -2.35
CA THR D 55 -13.23 4.88 -1.90
C THR D 55 -13.33 4.94 -0.40
N ASP D 56 -12.39 5.61 0.23
CA ASP D 56 -12.39 5.81 1.68
C ASP D 56 -11.60 7.08 1.95
N LYS D 57 -11.95 7.73 3.05
CA LYS D 57 -11.32 8.92 3.65
C LYS D 57 -9.85 8.64 4.00
N GLY D 58 -8.97 9.62 3.82
CA GLY D 58 -7.60 9.62 4.36
C GLY D 58 -7.58 10.28 5.73
N GLU D 59 -6.58 11.10 6.01
CA GLU D 59 -6.41 11.82 7.29
C GLU D 59 -7.09 13.19 7.17
N VAL D 60 -7.09 13.84 5.98
CA VAL D 60 -7.66 15.22 5.86
C VAL D 60 -8.74 15.32 4.77
N PRO D 61 -9.82 14.50 4.81
CA PRO D 61 -10.86 14.55 3.78
C PRO D 61 -11.78 15.78 3.77
N ASN D 62 -11.91 16.53 4.89
CA ASN D 62 -12.93 17.60 4.99
C ASN D 62 -12.74 18.65 3.91
N GLY D 63 -13.80 18.92 3.13
CA GLY D 63 -13.83 19.93 2.05
C GLY D 63 -13.61 19.31 0.69
N TYR D 64 -13.36 18.00 0.63
CA TYR D 64 -13.06 17.27 -0.62
C TYR D 64 -13.99 16.09 -0.76
N ASN D 65 -14.08 15.57 -1.98
CA ASN D 65 -14.73 14.29 -2.24
C ASN D 65 -14.08 13.65 -3.48
N VAL D 66 -14.38 12.37 -3.74
CA VAL D 66 -13.76 11.57 -4.83
C VAL D 66 -14.79 10.58 -5.34
N SER D 67 -14.50 10.02 -6.51
CA SER D 67 -15.24 8.89 -7.11
C SER D 67 -14.19 7.98 -7.74
N ARG D 68 -14.51 6.71 -7.86
CA ARG D 68 -13.65 5.72 -8.55
C ARG D 68 -14.60 4.78 -9.22
N SER D 69 -15.25 5.24 -10.27
CA SER D 69 -16.16 4.38 -11.09
C SER D 69 -15.33 3.53 -12.03
N THR D 70 -14.10 3.93 -12.31
CA THR D 70 -13.16 3.20 -13.20
C THR D 70 -11.80 3.05 -12.51
N THR D 71 -11.08 2.01 -12.93
CA THR D 71 -9.66 1.75 -12.57
C THR D 71 -8.80 2.97 -12.95
N GLU D 72 -8.98 3.52 -14.16
CA GLU D 72 -8.05 4.52 -14.76
C GLU D 72 -8.10 5.82 -13.95
N ASP D 73 -9.27 6.27 -13.48
CA ASP D 73 -9.45 7.69 -13.08
C ASP D 73 -9.74 7.78 -11.60
N PHE D 74 -9.23 8.83 -10.95
CA PHE D 74 -9.55 9.11 -9.53
C PHE D 74 -9.65 10.62 -9.38
N PRO D 75 -10.82 11.22 -9.65
CA PRO D 75 -10.98 12.66 -9.54
C PRO D 75 -11.18 13.18 -8.11
N LEU D 76 -10.65 14.38 -7.82
CA LEU D 76 -10.75 15.05 -6.50
C LEU D 76 -11.59 16.31 -6.66
N ARG D 77 -12.74 16.33 -5.99
CA ARG D 77 -13.69 17.45 -5.99
C ARG D 77 -13.42 18.33 -4.76
N LEU D 78 -13.12 19.61 -4.97
CA LEU D 78 -13.21 20.67 -3.91
C LEU D 78 -14.63 21.20 -3.92
N LEU D 79 -15.30 21.02 -2.79
CA LEU D 79 -16.73 21.36 -2.62
C LEU D 79 -16.88 22.90 -2.68
N SER D 80 -16.06 23.65 -1.96
CA SER D 80 -16.26 25.09 -1.65
C SER D 80 -14.91 25.71 -1.26
N ALA D 81 -14.17 26.24 -2.24
CA ALA D 81 -12.74 26.60 -2.08
C ALA D 81 -12.60 27.46 -0.81
N ALA D 82 -11.73 27.08 0.11
CA ALA D 82 -11.34 27.90 1.27
C ALA D 82 -9.86 28.25 1.15
N PRO D 83 -9.40 29.42 1.64
CA PRO D 83 -7.97 29.74 1.73
C PRO D 83 -7.11 28.66 2.42
N SER D 84 -7.66 27.88 3.34
CA SER D 84 -6.89 26.78 3.99
C SER D 84 -6.53 25.70 2.95
N GLN D 85 -7.13 25.74 1.75
CA GLN D 85 -6.97 24.69 0.71
C GLN D 85 -5.87 25.10 -0.29
N THR D 86 -5.29 26.29 -0.13
CA THR D 86 -4.04 26.68 -0.84
C THR D 86 -2.97 25.62 -0.53
N SER D 87 -2.47 24.93 -1.54
CA SER D 87 -1.60 23.74 -1.36
C SER D 87 -1.11 23.24 -2.70
N VAL D 88 -0.21 22.26 -2.68
CA VAL D 88 0.13 21.44 -3.87
C VAL D 88 -0.49 20.05 -3.65
N TYR D 89 -1.34 19.63 -4.59
CA TYR D 89 -2.08 18.33 -4.57
C TYR D 89 -1.32 17.38 -5.47
N PHE D 90 -1.08 16.16 -4.98
CA PHE D 90 -0.46 15.05 -5.74
C PHE D 90 -1.44 13.87 -5.74
N CYS D 91 -1.81 13.46 -6.93
CA CYS D 91 -2.43 12.17 -7.26
C CYS D 91 -1.33 11.11 -7.27
N ALA D 92 -1.62 9.88 -6.85
CA ALA D 92 -0.67 8.74 -6.92
C ALA D 92 -1.44 7.45 -7.20
N SER D 93 -0.77 6.48 -7.79
CA SER D 93 -1.30 5.10 -7.92
C SER D 93 -0.23 4.11 -7.46
N SER D 94 -0.64 2.91 -7.11
CA SER D 94 0.24 1.77 -6.79
C SER D 94 -0.50 0.51 -7.20
N ASN D 95 0.23 -0.47 -7.71
CA ASN D 95 -0.30 -1.80 -8.09
C ASN D 95 -1.11 -2.35 -6.92
N ARG D 96 -0.54 -2.24 -5.72
CA ARG D 96 -1.04 -2.90 -4.48
C ARG D 96 -0.84 -1.98 -3.27
N GLU D 97 -1.46 -2.33 -2.14
CA GLU D 97 -1.39 -1.58 -0.86
C GLU D 97 0.06 -1.45 -0.36
N TYR D 98 1.02 -2.27 -0.82
CA TYR D 98 2.40 -2.29 -0.28
C TYR D 98 3.43 -1.99 -1.38
N SER D 99 3.01 -1.69 -2.62
CA SER D 99 3.97 -1.54 -3.74
C SER D 99 4.29 -0.07 -3.93
N PRO D 100 5.35 0.29 -4.67
CA PRO D 100 5.71 1.70 -4.81
C PRO D 100 4.63 2.60 -5.45
N LEU D 101 4.55 3.85 -4.99
CA LEU D 101 3.61 4.84 -5.56
C LEU D 101 4.24 5.50 -6.78
N HIS D 102 3.41 5.67 -7.81
CA HIS D 102 3.72 6.48 -9.01
C HIS D 102 2.91 7.75 -8.85
N PHE D 103 3.53 8.92 -8.91
CA PHE D 103 2.84 10.22 -8.68
C PHE D 103 2.61 11.00 -9.97
N GLY D 104 1.51 11.76 -9.99
CA GLY D 104 1.22 12.80 -10.98
C GLY D 104 2.12 13.99 -10.73
N ASN D 105 2.14 14.97 -11.66
CA ASN D 105 3.10 16.11 -11.60
C ASN D 105 2.53 17.24 -10.73
N GLY D 106 1.43 17.02 -10.02
CA GLY D 106 0.96 17.97 -8.99
C GLY D 106 0.00 19.02 -9.56
N THR D 107 -0.82 19.60 -8.69
CA THR D 107 -1.66 20.81 -8.92
C THR D 107 -1.31 21.84 -7.85
N ARG D 108 -0.72 22.96 -8.26
CA ARG D 108 -0.48 24.12 -7.37
C ARG D 108 -1.79 24.94 -7.39
N LEU D 109 -2.46 24.95 -6.24
CA LEU D 109 -3.79 25.57 -6.10
C LEU D 109 -3.70 26.75 -5.13
N THR D 110 -4.19 27.92 -5.55
CA THR D 110 -4.30 29.11 -4.66
C THR D 110 -5.74 29.59 -4.63
N VAL D 111 -6.24 29.74 -3.42
CA VAL D 111 -7.62 30.20 -3.13
C VAL D 111 -7.49 31.60 -2.56
N THR D 112 -8.12 32.60 -3.20
CA THR D 112 -8.15 34.01 -2.71
C THR D 112 -9.60 34.42 -2.45
N GLU D 113 -9.81 35.30 -1.50
CA GLU D 113 -11.14 35.90 -1.21
C GLU D 113 -11.59 36.78 -2.39
N ASP D 114 -10.70 37.23 -3.29
CA ASP D 114 -11.04 38.24 -4.32
C ASP D 114 -10.09 38.23 -5.55
N LEU D 115 -10.61 37.82 -6.71
CA LEU D 115 -9.85 37.61 -7.99
C LEU D 115 -9.21 38.92 -8.47
N ASN D 116 -9.55 40.01 -7.79
CA ASN D 116 -8.92 41.34 -7.98
C ASN D 116 -7.49 41.39 -7.43
N LYS D 117 -7.03 40.37 -6.69
CA LYS D 117 -5.62 40.27 -6.23
C LYS D 117 -4.76 39.54 -7.26
N VAL D 118 -5.39 38.98 -8.30
CA VAL D 118 -4.70 38.26 -9.42
C VAL D 118 -4.12 39.28 -10.40
N PHE D 119 -2.81 39.22 -10.59
CA PHE D 119 -1.99 40.08 -11.47
C PHE D 119 -1.00 39.21 -12.22
N PRO D 120 -0.85 39.41 -13.56
CA PRO D 120 0.17 38.70 -14.33
C PRO D 120 1.52 39.35 -14.01
N PRO D 121 2.65 38.75 -14.41
CA PRO D 121 3.96 39.35 -14.19
C PRO D 121 4.34 40.47 -15.18
N GLU D 122 5.07 41.48 -14.72
CA GLU D 122 5.99 42.23 -15.59
C GLU D 122 7.33 41.48 -15.64
N VAL D 123 7.94 41.51 -16.82
CA VAL D 123 9.22 40.82 -17.14
C VAL D 123 10.18 41.84 -17.76
N ALA D 124 11.40 41.87 -17.24
CA ALA D 124 12.54 42.67 -17.76
C ALA D 124 13.76 41.75 -17.81
N VAL D 125 14.56 41.92 -18.86
CA VAL D 125 15.90 41.29 -18.99
C VAL D 125 16.94 42.37 -18.72
N PHE D 126 17.95 42.03 -17.91
CA PHE D 126 19.09 42.91 -17.59
C PHE D 126 20.32 42.32 -18.28
N GLU D 127 21.01 43.19 -19.00
CA GLU D 127 22.15 42.83 -19.87
C GLU D 127 23.40 42.66 -19.04
N PRO D 128 24.30 41.77 -19.51
CA PRO D 128 25.56 41.50 -18.83
C PRO D 128 26.40 42.74 -18.54
N SER D 129 27.05 42.77 -17.39
CA SER D 129 27.92 43.89 -16.99
C SER D 129 29.16 43.88 -17.88
N GLU D 130 29.51 45.03 -18.42
CA GLU D 130 30.76 45.26 -19.18
C GLU D 130 31.95 44.81 -18.31
N ALA D 131 31.93 45.04 -16.99
CA ALA D 131 33.01 44.62 -16.05
C ALA D 131 33.10 43.08 -15.96
N GLU D 132 31.97 42.38 -15.88
CA GLU D 132 32.00 40.90 -15.83
C GLU D 132 32.66 40.39 -17.12
N ILE D 133 32.24 40.92 -18.24
CA ILE D 133 32.73 40.47 -19.57
C ILE D 133 34.26 40.64 -19.59
N SER D 134 34.79 41.79 -19.16
CA SER D 134 36.23 42.14 -19.27
C SER D 134 37.06 41.29 -18.29
N HIS D 135 36.50 40.98 -17.13
CA HIS D 135 37.18 40.28 -16.03
C HIS D 135 37.10 38.76 -16.24
N THR D 136 36.04 38.23 -16.85
CA THR D 136 35.73 36.76 -16.83
C THR D 136 35.64 36.18 -18.23
N GLN D 137 35.41 37.02 -19.24
CA GLN D 137 35.09 36.61 -20.63
C GLN D 137 33.82 35.75 -20.63
N LYS D 138 32.95 36.01 -19.66
CA LYS D 138 31.57 35.45 -19.56
C LYS D 138 30.59 36.59 -19.35
N ALA D 139 29.31 36.27 -19.58
CA ALA D 139 28.25 37.28 -19.63
C ALA D 139 26.96 36.69 -19.03
N THR D 140 26.57 37.23 -17.88
CA THR D 140 25.34 36.83 -17.15
C THR D 140 24.19 37.81 -17.47
N LEU D 141 23.16 37.30 -18.13
CA LEU D 141 21.86 37.99 -18.28
C LEU D 141 21.01 37.63 -17.07
N VAL D 142 20.33 38.62 -16.50
CA VAL D 142 19.29 38.35 -15.47
C VAL D 142 17.90 38.72 -16.00
N CYS D 143 16.96 37.83 -15.75
CA CYS D 143 15.50 38.03 -15.92
C CYS D 143 14.84 38.22 -14.56
N LEU D 144 13.91 39.15 -14.47
CA LEU D 144 13.15 39.46 -13.23
C LEU D 144 11.69 39.54 -13.67
N ALA D 145 10.88 38.58 -13.20
CA ALA D 145 9.40 38.56 -13.22
C ALA D 145 8.89 39.23 -11.95
N THR D 146 8.06 40.26 -12.04
CA THR D 146 7.62 41.05 -10.86
C THR D 146 6.09 41.27 -10.85
N GLY D 147 5.53 41.43 -9.65
CA GLY D 147 4.16 41.95 -9.43
C GLY D 147 3.09 40.93 -9.74
N PHE D 148 3.41 39.63 -9.70
CA PHE D 148 2.48 38.54 -10.07
C PHE D 148 1.85 37.89 -8.83
N TYR D 149 0.62 37.41 -9.01
CA TYR D 149 -0.19 36.67 -8.01
C TYR D 149 -1.29 35.92 -8.74
N PRO D 150 -1.51 34.62 -8.47
CA PRO D 150 -0.70 33.83 -7.54
C PRO D 150 0.73 33.51 -8.05
N ASP D 151 1.50 32.78 -7.25
CA ASP D 151 2.91 32.41 -7.55
C ASP D 151 2.87 31.19 -8.50
N HIS D 152 2.13 31.29 -9.59
CA HIS D 152 1.94 30.21 -10.62
C HIS D 152 2.60 30.65 -11.94
N VAL D 153 3.91 30.48 -12.07
CA VAL D 153 4.68 30.92 -13.27
C VAL D 153 5.62 29.79 -13.67
N GLU D 154 5.89 29.65 -14.97
CA GLU D 154 7.03 28.88 -15.52
C GLU D 154 7.92 29.82 -16.37
N LEU D 155 9.18 29.96 -15.95
CA LEU D 155 10.15 30.87 -16.58
C LEU D 155 11.04 30.01 -17.45
N SER D 156 11.22 30.43 -18.70
CA SER D 156 12.08 29.73 -19.68
C SER D 156 12.95 30.77 -20.40
N TRP D 157 14.14 30.34 -20.83
CA TRP D 157 15.09 31.12 -21.67
C TRP D 157 15.04 30.55 -23.08
N TRP D 158 14.93 31.44 -24.06
CA TRP D 158 14.88 31.12 -25.51
C TRP D 158 16.01 31.88 -26.21
N VAL D 159 16.96 31.17 -26.81
CA VAL D 159 18.10 31.79 -27.54
C VAL D 159 17.89 31.44 -29.01
N ASN D 160 17.56 32.46 -29.80
CA ASN D 160 17.31 32.30 -31.25
C ASN D 160 16.19 31.28 -31.45
N GLY D 161 15.09 31.42 -30.70
CA GLY D 161 13.83 30.71 -30.97
C GLY D 161 13.79 29.29 -30.41
N LYS D 162 14.87 28.83 -29.75
CA LYS D 162 15.00 27.48 -29.12
C LYS D 162 15.23 27.63 -27.62
N GLU D 163 14.56 26.79 -26.81
CA GLU D 163 14.68 26.82 -25.34
C GLU D 163 16.07 26.34 -24.88
N VAL D 164 16.71 27.04 -23.94
CA VAL D 164 18.03 26.61 -23.41
C VAL D 164 17.90 26.27 -21.92
N HIS D 165 18.77 25.38 -21.45
CA HIS D 165 18.88 24.87 -20.07
C HIS D 165 20.30 25.12 -19.54
N SER D 166 21.31 24.92 -20.38
CA SER D 166 22.73 25.09 -20.01
C SER D 166 22.97 26.55 -19.65
N GLY D 167 23.70 26.78 -18.57
CA GLY D 167 24.07 28.12 -18.09
C GLY D 167 22.90 28.85 -17.43
N VAL D 168 21.80 28.16 -17.15
CA VAL D 168 20.57 28.79 -16.60
C VAL D 168 20.45 28.45 -15.11
N CYS D 169 20.19 29.43 -14.23
CA CYS D 169 19.69 29.13 -12.88
C CYS D 169 18.50 30.03 -12.57
N THR D 170 17.32 29.41 -12.38
CA THR D 170 16.07 30.07 -11.94
C THR D 170 15.84 29.78 -10.46
N ASP D 171 15.48 30.80 -9.68
CA ASP D 171 15.09 30.62 -8.26
C ASP D 171 14.06 29.48 -8.19
N PRO D 172 14.19 28.53 -7.24
CA PRO D 172 13.20 27.46 -7.06
C PRO D 172 11.75 27.92 -6.80
N GLN D 173 11.60 28.98 -5.99
CA GLN D 173 10.31 29.53 -5.47
C GLN D 173 10.27 31.03 -5.67
N PRO D 174 9.16 31.55 -6.25
CA PRO D 174 8.86 32.97 -6.18
C PRO D 174 8.96 33.50 -4.76
N LEU D 175 9.37 34.76 -4.65
CA LEU D 175 9.66 35.55 -3.43
C LEU D 175 8.58 36.65 -3.27
N LYS D 176 8.07 36.86 -2.05
CA LYS D 176 7.00 37.84 -1.75
C LYS D 176 7.58 39.25 -1.69
N GLU D 177 7.05 40.14 -2.54
CA GLU D 177 7.40 41.58 -2.62
C GLU D 177 6.93 42.27 -1.33
N GLN D 178 5.82 41.81 -0.75
CA GLN D 178 5.29 42.29 0.56
C GLN D 178 5.22 41.12 1.51
N PRO D 179 6.33 40.70 2.17
CA PRO D 179 6.34 39.46 2.93
C PRO D 179 5.32 39.42 4.09
N ALA D 180 5.07 40.56 4.75
CA ALA D 180 4.02 40.73 5.79
C ALA D 180 2.67 40.28 5.20
N LEU D 181 2.20 40.97 4.15
CA LEU D 181 0.85 40.77 3.52
C LEU D 181 0.57 39.29 3.26
N ASN D 182 -0.67 38.90 3.58
CA ASN D 182 -1.24 37.54 3.40
CA ASN D 182 -1.23 37.53 3.41
C ASN D 182 -1.17 37.15 1.92
N ASP D 183 -1.59 38.06 1.04
CA ASP D 183 -1.76 37.87 -0.43
C ASP D 183 -0.75 38.75 -1.23
N SER D 184 0.45 38.94 -0.64
CA SER D 184 1.61 39.60 -1.30
C SER D 184 1.71 39.18 -2.78
N ARG D 185 2.06 40.12 -3.64
CA ARG D 185 2.46 39.78 -5.02
C ARG D 185 3.90 39.26 -4.94
N TYR D 186 4.34 38.56 -6.00
CA TYR D 186 5.57 37.76 -6.04
C TYR D 186 6.55 38.30 -7.09
N ALA D 187 7.84 38.06 -6.86
CA ALA D 187 8.96 38.26 -7.82
C ALA D 187 9.69 36.93 -7.98
N LEU D 188 10.36 36.75 -9.14
CA LEU D 188 11.19 35.56 -9.46
C LEU D 188 12.35 36.02 -10.35
N SER D 189 13.58 35.62 -10.01
CA SER D 189 14.77 35.93 -10.83
C SER D 189 15.26 34.65 -11.52
N SER D 190 15.86 34.79 -12.71
CA SER D 190 16.67 33.75 -13.38
C SER D 190 17.97 34.38 -13.89
N ARG D 191 18.99 33.55 -14.09
CA ARG D 191 20.25 33.92 -14.78
C ARG D 191 20.44 32.98 -15.96
N LEU D 192 20.92 33.55 -17.07
CA LEU D 192 21.49 32.81 -18.22
C LEU D 192 22.92 33.30 -18.43
N ARG D 193 23.89 32.42 -18.27
CA ARG D 193 25.30 32.81 -18.46
C ARG D 193 25.85 32.15 -19.73
N VAL D 194 26.45 32.96 -20.58
CA VAL D 194 27.05 32.51 -21.86
C VAL D 194 28.43 33.11 -21.91
N SER D 195 29.26 32.63 -22.81
CA SER D 195 30.59 33.23 -23.06
C SER D 195 30.38 34.65 -23.58
N ALA D 196 31.40 35.51 -23.40
CA ALA D 196 31.48 36.87 -23.96
C ALA D 196 31.34 36.76 -25.48
N THR D 197 32.04 35.85 -26.14
CA THR D 197 32.04 35.76 -27.62
C THR D 197 30.62 35.46 -28.13
N PHE D 198 29.82 34.72 -27.36
CA PHE D 198 28.41 34.45 -27.75
C PHE D 198 27.56 35.70 -27.54
N TRP D 199 27.71 36.37 -26.40
CA TRP D 199 26.97 37.62 -26.12
C TRP D 199 27.32 38.68 -27.18
N GLN D 200 28.54 38.65 -27.69
CA GLN D 200 29.08 39.73 -28.57
C GLN D 200 28.69 39.52 -30.02
N ASP D 201 28.12 38.37 -30.34
CA ASP D 201 27.63 38.09 -31.70
C ASP D 201 26.25 38.73 -31.82
N PRO D 202 26.08 39.76 -32.68
CA PRO D 202 24.78 40.44 -32.82
C PRO D 202 23.67 39.55 -33.39
N ARG D 203 24.00 38.40 -33.99
CA ARG D 203 22.94 37.48 -34.47
C ARG D 203 22.12 36.94 -33.28
N ASN D 204 22.66 36.96 -32.05
CA ASN D 204 22.05 36.22 -30.91
C ASN D 204 20.91 37.04 -30.28
N HIS D 205 19.72 36.45 -30.31
CA HIS D 205 18.47 36.89 -29.63
C HIS D 205 18.26 36.05 -28.35
N PHE D 206 18.11 36.72 -27.22
CA PHE D 206 17.87 36.13 -25.89
C PHE D 206 16.53 36.63 -25.41
N ARG D 207 15.61 35.71 -25.12
N ARG D 207 15.70 35.73 -24.91
CA ARG D 207 14.27 36.02 -24.57
CA ARG D 207 14.25 35.95 -24.63
C ARG D 207 14.09 35.22 -23.29
C ARG D 207 13.86 35.20 -23.36
N CYS D 208 13.62 35.94 -22.27
CA CYS D 208 13.12 35.38 -21.02
C CYS D 208 11.59 35.34 -21.17
N GLN D 209 11.01 34.15 -21.10
CA GLN D 209 9.55 33.95 -21.20
C GLN D 209 8.95 33.43 -19.89
N VAL D 210 7.95 34.12 -19.36
CA VAL D 210 7.22 33.67 -18.15
C VAL D 210 5.81 33.29 -18.58
N GLN D 211 5.48 32.01 -18.52
CA GLN D 211 4.09 31.50 -18.61
C GLN D 211 3.43 31.76 -17.25
N PHE D 212 2.40 32.60 -17.21
CA PHE D 212 1.55 32.86 -16.02
C PHE D 212 0.23 32.10 -16.14
N TYR D 213 -0.18 31.49 -15.04
CA TYR D 213 -1.50 30.82 -14.84
C TYR D 213 -2.36 31.75 -13.98
N GLY D 214 -3.41 32.32 -14.58
CA GLY D 214 -4.37 33.25 -13.93
C GLY D 214 -5.81 32.90 -14.29
N LEU D 215 -6.63 33.89 -14.63
CA LEU D 215 -8.07 33.67 -14.96
C LEU D 215 -8.20 33.04 -16.35
N SER D 216 -9.37 32.50 -16.67
CA SER D 216 -9.74 31.99 -18.02
C SER D 216 -10.62 33.01 -18.78
N GLU D 217 -10.80 32.76 -20.09
CA GLU D 217 -11.61 33.61 -21.01
C GLU D 217 -13.01 33.75 -20.42
N ASN D 218 -13.53 32.66 -19.85
CA ASN D 218 -14.88 32.58 -19.23
C ASN D 218 -14.99 33.57 -18.07
N ASP D 219 -14.09 33.51 -17.08
CA ASP D 219 -14.25 34.20 -15.77
C ASP D 219 -14.73 35.64 -16.00
N GLU D 220 -15.59 36.12 -15.10
CA GLU D 220 -16.18 37.49 -15.10
C GLU D 220 -15.12 38.48 -14.60
N TRP D 221 -15.09 39.71 -15.12
CA TRP D 221 -14.05 40.72 -14.79
C TRP D 221 -14.58 42.14 -15.01
N THR D 222 -15.16 42.74 -13.98
CA THR D 222 -15.61 44.17 -13.99
C THR D 222 -14.53 45.00 -13.30
N GLN D 223 -13.49 45.41 -14.06
CA GLN D 223 -12.28 46.07 -13.54
C GLN D 223 -11.55 46.81 -14.66
N ASP D 224 -10.97 47.98 -14.35
CA ASP D 224 -10.25 48.86 -15.30
C ASP D 224 -9.20 48.06 -16.06
N ARG D 225 -8.18 47.53 -15.37
CA ARG D 225 -7.00 46.88 -15.98
C ARG D 225 -7.48 45.66 -16.79
N ALA D 226 -6.66 45.23 -17.78
CA ALA D 226 -6.79 43.96 -18.55
C ALA D 226 -7.10 42.80 -17.60
N LYS D 227 -8.02 41.92 -18.00
CA LYS D 227 -8.34 40.67 -17.28
C LYS D 227 -7.05 39.87 -17.09
N PRO D 228 -6.62 39.57 -15.84
CA PRO D 228 -5.36 38.86 -15.61
C PRO D 228 -5.48 37.36 -15.98
N VAL D 229 -5.50 37.08 -17.29
CA VAL D 229 -5.70 35.70 -17.84
C VAL D 229 -4.37 34.97 -17.90
N THR D 230 -4.43 33.65 -17.97
CA THR D 230 -3.31 32.79 -18.44
C THR D 230 -2.70 33.45 -19.70
N GLN D 231 -1.38 33.60 -19.74
CA GLN D 231 -0.65 34.42 -20.75
C GLN D 231 0.85 34.27 -20.54
N ILE D 232 1.58 34.46 -21.63
CA ILE D 232 3.05 34.49 -21.65
C ILE D 232 3.43 35.97 -21.62
N VAL D 233 4.33 36.36 -20.73
CA VAL D 233 4.99 37.68 -20.72
C VAL D 233 6.48 37.41 -20.92
N SER D 234 7.10 38.16 -21.83
CA SER D 234 8.49 37.99 -22.31
C SER D 234 9.20 39.33 -22.22
N ALA D 235 10.52 39.28 -22.03
CA ALA D 235 11.44 40.40 -22.34
C ALA D 235 12.63 39.81 -23.08
N GLU D 236 13.35 40.62 -23.85
CA GLU D 236 14.39 40.13 -24.78
C GLU D 236 15.58 41.09 -24.77
N ALA D 237 16.75 40.56 -25.14
CA ALA D 237 17.98 41.30 -25.48
C ALA D 237 18.61 40.64 -26.71
N TRP D 238 19.36 41.45 -27.45
CA TRP D 238 20.15 41.08 -28.64
C TRP D 238 21.63 41.24 -28.29
N GLY D 239 22.48 40.36 -28.83
CA GLY D 239 23.93 40.46 -28.65
C GLY D 239 24.44 41.80 -29.13
N ARG D 240 25.57 42.27 -28.62
CA ARG D 240 26.17 43.56 -29.06
C ARG D 240 27.68 43.37 -29.23
N ALA D 241 28.22 44.00 -30.28
CA ALA D 241 29.61 43.81 -30.76
C ALA D 241 30.47 45.03 -30.44
N ASP D 242 29.98 45.99 -29.66
CA ASP D 242 30.66 47.31 -29.48
C ASP D 242 31.79 47.19 -28.45
O1 4MA E . -4.36 -12.38 3.11
C7 4MA E . -5.55 -12.75 3.21
O2 4MA E . -6.07 -13.63 2.48
C1 4MA E . -6.40 -12.02 4.24
C2 4MA E . -7.79 -12.08 4.20
C3 4MA E . -8.54 -11.35 5.12
C4 4MA E . -7.93 -10.57 6.08
C8 4MA E . -8.72 -9.79 7.07
C5 4MA E . -6.54 -10.50 6.10
C6 4MA E . -5.79 -11.19 5.17
C1 EDO F . 1.45 -6.37 14.32
O1 EDO F . 1.45 -7.32 13.27
C2 EDO F . 0.10 -5.84 14.60
O2 EDO F . -0.54 -6.53 15.67
C1 EDO G . -7.52 -40.07 16.24
O1 EDO G . -6.68 -41.16 16.57
C2 EDO G . -8.48 -40.37 15.14
O2 EDO G . -9.60 -41.13 15.56
C1 EDO H . -17.90 2.35 2.55
O1 EDO H . -18.47 1.05 2.34
C2 EDO H . -16.83 2.72 1.58
O2 EDO H . -16.16 3.91 1.94
C1 EDO I . -0.24 -10.55 2.99
O1 EDO I . 0.60 -11.04 1.96
C2 EDO I . -1.42 -11.42 3.23
O2 EDO I . -2.38 -10.78 4.04
C1 EDO J . -18.57 -4.27 11.96
O1 EDO J . -18.74 -5.63 12.32
C2 EDO J . -19.15 -3.35 12.94
O2 EDO J . -18.45 -3.34 14.17
C1 EDO K . 9.45 28.98 -12.20
O1 EDO K . 10.08 28.49 -13.38
C2 EDO K . 8.88 27.94 -11.29
O2 EDO K . 8.62 28.43 -9.99
#